data_8U9Y
#
_entry.id   8U9Y
#
_cell.length_a   1.00
_cell.length_b   1.00
_cell.length_c   1.00
_cell.angle_alpha   90.00
_cell.angle_beta   90.00
_cell.angle_gamma   90.00
#
_symmetry.space_group_name_H-M   'P 1'
#
loop_
_entity.id
_entity.type
_entity.pdbx_description
1 polymer 'Envelope glycoprotein E2'
2 polymer 'HC84.26 heavy chain'
3 polymer 'HC84.26 light chain'
4 branched beta-D-mannopyranose-(1-3)-[beta-D-mannopyranose-(1-6)]beta-D-mannopyranose-(1-4)-2-acetamido-2-deoxy-beta-D-glucopyranose-(1-4)-2-acetamido-2-deoxy-beta-D-glucopyranose
5 branched 2-acetamido-2-deoxy-beta-D-glucopyranose-(1-4)-2-acetamido-2-deoxy-beta-D-glucopyranose
6 branched beta-D-mannopyranose-(1-4)-2-acetamido-2-deoxy-beta-D-glucopyranose-(1-4)-2-acetamido-2-deoxy-beta-D-glucopyranose
7 non-polymer 2-acetamido-2-deoxy-beta-D-glucopyranose
#
loop_
_entity_poly.entity_id
_entity_poly.type
_entity_poly.pdbx_seq_one_letter_code
_entity_poly.pdbx_strand_id
1 'polypeptide(L)'
;METDTLLLWVLLLWVPGSTGDSTHVTGGTASHTTRHFASLFSSGASQRVQLINTNGSWHINRTALNCNDSLHTGFLAALF
YTHKFNASGCPERMAHCRPIDEFAQGWGPITYAEGHGSDQRPYCWHYAPRQCGTIPASQVCGPVYCFTPSPVVVGTTDRF
GAPTYTWGENETDVLILNNTRPPQGNWFGCTWMNSTGFTKTCGGPPCNIGGVGNNTLTCPTDCFRKHPEATYTKCGSGPW
LTPRCLVDYPYRLWHYPCTVNFTIFKVRMYVGGVEHRLNAACNIGHHHHHH
;
A
2 'polypeptide(L)'
;METDTLLLWVLLLWVPGSTGDQVQPVQSGAEVKKPGSSVKVSCEASGGTHSNYVITWVRQAPGQGLEWMGGFIPDFRTAM
YAQGFQGRVTITADESTSLAYMELTNLRSEDTAVYYCARGPLSRGYYDYWGPGTLVTVSASTKGPSVFPLAPSSKSTSGG
TAALGCLVKDYFPEPVTVSWNSGALTSGVHTFPAVLQSSGLYSLSSVVTVPSSSLGTQTYICNVNHKPSNTKVDKRVEPK
SCDKTAGWSHPQFEK
;
E,N
3 'polypeptide(L)'
;METDTLLLWVLLLWVPGSTGDSYVLTQPPSVSVAPGQTASITCSGDKLGDKYVSWYQQRPGQSPVLVLYQDSKRPSGIPE
RFSGSNSGNTATLTISGTQAMDEADYYCQAWDSSALVFGGGTKLTVLRTVAAPSVFIFPPSDEQLKSGTASVVCLLNNFY
PREAKVQWKVDNALQSGNSQESVTEQDSKDSTYSLSSTLTLSKADYEKHKVYACEVTHQGLSSPVTKSFNRGEC
;
F,M
#
loop_
_chem_comp.id
_chem_comp.type
_chem_comp.name
_chem_comp.formula
BMA D-saccharide, beta linking beta-D-mannopyranose 'C6 H12 O6'
NAG D-saccharide, beta linking 2-acetamido-2-deoxy-beta-D-glucopyranose 'C8 H15 N O6'
#
# COMPACT_ATOMS: atom_id res chain seq x y z
N GLN A 47 -13.83 34.81 -2.89
CA GLN A 47 -15.22 35.16 -2.48
C GLN A 47 -15.47 36.65 -2.62
N ARG A 48 -14.42 37.45 -2.48
CA ARG A 48 -14.54 38.89 -2.61
C ARG A 48 -13.16 39.51 -2.58
N VAL A 49 -13.04 40.69 -3.21
CA VAL A 49 -11.82 41.48 -3.21
C VAL A 49 -12.21 42.94 -3.13
N GLN A 50 -11.28 43.76 -2.63
CA GLN A 50 -11.55 45.19 -2.46
C GLN A 50 -10.21 45.93 -2.47
N LEU A 51 -10.24 47.19 -2.06
CA LEU A 51 -9.04 48.02 -2.09
C LEU A 51 -7.89 47.34 -1.38
N ILE A 52 -8.12 46.88 -0.15
CA ILE A 52 -7.14 46.16 0.64
C ILE A 52 -7.67 44.80 1.05
N ASN A 53 -8.88 44.78 1.61
CA ASN A 53 -9.42 43.56 2.20
C ASN A 53 -9.65 42.53 1.11
N THR A 54 -8.78 41.53 1.06
CA THR A 54 -8.99 40.40 0.16
C THR A 54 -9.69 39.29 0.93
N ASN A 55 -10.83 39.65 1.52
CA ASN A 55 -11.53 38.78 2.45
C ASN A 55 -12.20 37.64 1.67
N GLY A 56 -12.94 36.81 2.39
CA GLY A 56 -13.44 35.58 1.81
C GLY A 56 -12.41 34.49 1.71
N SER A 57 -11.23 34.69 2.30
CA SER A 57 -10.16 33.69 2.29
C SER A 57 -9.65 33.41 0.89
N TRP A 58 -9.24 34.47 0.17
CA TRP A 58 -8.67 34.25 -1.16
C TRP A 58 -7.82 35.46 -1.56
N HIS A 59 -6.53 35.43 -1.22
CA HIS A 59 -5.56 36.38 -1.73
C HIS A 59 -4.79 35.75 -2.88
N ILE A 60 -4.30 36.59 -3.79
CA ILE A 60 -3.92 36.06 -5.10
C ILE A 60 -2.41 35.95 -5.24
N ASN A 61 -1.70 37.09 -5.38
CA ASN A 61 -0.25 37.04 -5.37
C ASN A 61 0.39 38.30 -4.78
N ARG A 62 -0.39 39.27 -4.31
CA ARG A 62 0.15 40.60 -4.04
C ARG A 62 0.98 40.65 -2.77
N THR A 63 1.05 39.56 -2.01
CA THR A 63 1.93 39.50 -0.86
C THR A 63 3.38 39.72 -1.29
N ALA A 64 4.24 39.92 -0.30
CA ALA A 64 5.66 40.18 -0.54
C ALA A 64 6.45 38.94 -0.15
N LEU A 65 7.04 38.28 -1.14
CA LEU A 65 7.76 37.03 -0.93
C LEU A 65 9.26 37.30 -0.79
N ASN A 66 9.61 38.11 0.20
CA ASN A 66 11.01 38.44 0.50
C ASN A 66 11.38 37.74 1.81
N CYS A 67 11.83 36.50 1.70
CA CYS A 67 12.30 35.73 2.83
C CYS A 67 13.78 35.45 2.68
N ASN A 68 14.51 35.50 3.79
CA ASN A 68 15.95 35.27 3.82
C ASN A 68 16.26 33.98 4.57
N ASP A 69 17.19 33.20 4.02
CA ASP A 69 17.60 31.93 4.60
C ASP A 69 19.02 31.96 5.15
N SER A 70 19.64 33.14 5.25
CA SER A 70 21.00 33.21 5.77
C SER A 70 21.08 32.62 7.16
N LEU A 71 20.15 33.00 8.03
CA LEU A 71 20.07 32.42 9.35
C LEU A 71 19.73 30.94 9.25
N HIS A 72 20.31 30.14 10.13
CA HIS A 72 20.11 28.70 10.14
C HIS A 72 18.94 28.28 11.02
N THR A 73 18.21 29.23 11.58
CA THR A 73 17.05 28.87 12.41
C THR A 73 16.04 28.04 11.62
N GLY A 74 15.96 28.25 10.31
CA GLY A 74 15.07 27.44 9.48
C GLY A 74 13.61 27.58 9.84
N PHE A 75 13.16 28.81 10.11
CA PHE A 75 11.73 29.00 10.40
C PHE A 75 10.89 28.64 9.19
N LEU A 76 11.36 28.99 7.99
CA LEU A 76 10.60 28.67 6.78
C LEU A 76 10.44 27.17 6.63
N ALA A 77 11.50 26.40 6.92
CA ALA A 77 11.41 24.95 6.85
C ALA A 77 10.50 24.37 7.90
N ALA A 78 10.09 25.16 8.90
CA ALA A 78 9.17 24.73 9.93
C ALA A 78 7.71 24.97 9.54
N LEU A 79 7.42 25.05 8.25
CA LEU A 79 6.05 25.23 7.80
C LEU A 79 5.33 23.90 7.66
N PHE A 80 6.04 22.82 7.36
CA PHE A 80 5.39 21.53 7.16
C PHE A 80 4.86 20.96 8.47
N TYR A 81 5.65 21.04 9.54
CA TYR A 81 5.33 20.35 10.78
C TYR A 81 5.58 21.27 11.96
N THR A 82 4.90 20.98 13.07
CA THR A 82 5.02 21.74 14.30
C THR A 82 5.39 20.81 15.44
N HIS A 83 6.32 21.27 16.28
CA HIS A 83 6.80 20.46 17.39
C HIS A 83 5.78 20.46 18.53
N LYS A 84 6.01 19.54 19.48
CA LYS A 84 5.17 19.47 20.66
C LYS A 84 5.47 20.64 21.59
N PHE A 85 4.54 20.90 22.52
CA PHE A 85 4.68 22.04 23.40
C PHE A 85 5.98 21.95 24.19
N ASN A 86 6.26 20.80 24.78
CA ASN A 86 7.43 20.67 25.63
C ASN A 86 8.66 20.24 24.84
N ALA A 87 8.55 20.10 23.52
CA ALA A 87 9.67 19.72 22.68
C ALA A 87 10.41 20.92 22.10
N SER A 88 9.81 22.10 22.14
CA SER A 88 10.38 23.30 21.55
C SER A 88 10.85 24.30 22.60
N GLY A 89 10.90 23.91 23.87
CA GLY A 89 11.32 24.83 24.91
C GLY A 89 10.40 26.03 25.06
N CYS A 90 9.10 25.81 24.93
CA CYS A 90 8.14 26.90 25.16
C CYS A 90 8.17 27.44 26.58
N PRO A 91 8.18 26.62 27.64
CA PRO A 91 7.94 27.17 28.98
C PRO A 91 8.91 28.27 29.38
N GLU A 92 10.18 28.19 28.97
CA GLU A 92 11.10 29.26 29.30
C GLU A 92 10.67 30.58 28.68
N ARG A 93 10.17 30.54 27.44
CA ARG A 93 9.67 31.74 26.80
C ARG A 93 8.27 32.11 27.28
N MET A 94 7.52 31.17 27.83
CA MET A 94 6.17 31.44 28.32
C MET A 94 6.12 31.85 29.78
N ALA A 95 7.25 31.79 30.49
CA ALA A 95 7.29 32.06 31.92
C ALA A 95 7.57 33.52 32.24
N HIS A 96 7.67 34.38 31.24
CA HIS A 96 8.01 35.78 31.46
C HIS A 96 6.79 36.65 31.73
N CYS A 97 5.59 36.10 31.72
CA CYS A 97 4.37 36.87 31.90
C CYS A 97 3.45 36.19 32.91
N ARG A 98 2.74 37.02 33.67
CA ARG A 98 1.94 36.55 34.80
C ARG A 98 0.67 35.85 34.30
N PRO A 99 0.36 34.66 34.79
CA PRO A 99 -0.68 33.84 34.13
C PRO A 99 -2.10 34.36 34.25
N ILE A 100 -2.59 34.59 35.47
CA ILE A 100 -4.02 34.80 35.68
C ILE A 100 -4.30 36.19 36.24
N ASP A 101 -3.81 36.45 37.45
CA ASP A 101 -3.98 37.74 38.11
C ASP A 101 -2.65 38.47 38.06
N GLU A 102 -2.53 39.40 37.12
CA GLU A 102 -1.27 40.15 36.96
C GLU A 102 -1.22 41.27 37.99
N PHE A 103 -2.16 42.21 37.89
CA PHE A 103 -2.30 43.34 38.80
C PHE A 103 -3.72 43.84 38.65
N ALA A 104 -4.25 44.47 39.70
CA ALA A 104 -5.70 44.41 39.92
C ALA A 104 -6.51 45.50 39.23
N GLN A 105 -6.41 46.75 39.70
CA GLN A 105 -7.48 47.70 39.44
C GLN A 105 -7.16 48.73 38.37
N GLY A 106 -6.15 49.57 38.59
CA GLY A 106 -5.91 50.71 37.73
C GLY A 106 -7.03 51.74 37.73
N TRP A 107 -8.08 51.51 38.52
CA TRP A 107 -9.17 52.47 38.69
C TRP A 107 -10.05 52.53 37.45
N GLY A 108 -11.09 53.35 37.51
CA GLY A 108 -12.09 53.43 36.47
C GLY A 108 -11.64 54.04 35.15
N PRO A 109 -10.92 55.18 35.22
CA PRO A 109 -10.60 55.90 33.97
C PRO A 109 -9.83 55.02 32.99
N ILE A 110 -10.37 54.91 31.78
CA ILE A 110 -9.73 54.15 30.71
C ILE A 110 -8.68 55.06 30.07
N THR A 111 -7.42 54.88 30.45
CA THR A 111 -6.34 55.71 29.96
C THR A 111 -5.70 55.09 28.73
N TYR A 112 -5.25 55.95 27.81
CA TYR A 112 -4.59 55.53 26.57
C TYR A 112 -3.21 56.17 26.54
N ALA A 113 -2.18 55.36 26.77
CA ALA A 113 -0.79 55.80 26.82
C ALA A 113 0.09 54.84 26.04
N GLU A 114 -0.27 54.59 24.79
CA GLU A 114 0.35 53.56 23.97
C GLU A 114 1.88 53.54 24.08
N GLY A 115 2.50 54.70 24.23
CA GLY A 115 3.94 54.75 24.39
C GLY A 115 4.66 54.02 23.27
N HIS A 116 5.29 52.88 23.60
CA HIS A 116 5.87 52.03 22.57
C HIS A 116 6.21 50.65 23.13
N GLY A 117 5.69 49.60 22.49
CA GLY A 117 6.12 48.25 22.79
C GLY A 117 6.93 47.71 21.63
N SER A 118 8.25 47.59 21.82
CA SER A 118 9.15 47.41 20.69
C SER A 118 10.15 46.28 20.81
N ASP A 119 10.35 45.69 22.00
CA ASP A 119 11.45 44.77 22.22
C ASP A 119 10.98 43.32 22.38
N GLN A 120 10.10 43.05 23.34
CA GLN A 120 9.70 41.69 23.62
C GLN A 120 8.87 41.12 22.46
N ARG A 121 8.99 39.82 22.23
CA ARG A 121 8.18 39.15 21.22
C ARG A 121 6.75 38.98 21.73
N PRO A 122 5.76 38.99 20.84
CA PRO A 122 4.36 38.82 21.26
C PRO A 122 3.95 37.34 21.31
N TYR A 123 4.62 36.57 22.17
CA TYR A 123 4.31 35.16 22.31
C TYR A 123 3.29 34.88 23.40
N CYS A 124 3.12 35.79 24.36
CA CYS A 124 2.05 35.70 25.33
C CYS A 124 1.31 37.03 25.36
N TRP A 125 0.06 36.99 25.84
CA TRP A 125 -0.89 38.03 25.54
C TRP A 125 -0.46 39.39 26.09
N HIS A 126 0.46 39.41 27.04
CA HIS A 126 1.03 40.69 27.48
C HIS A 126 1.66 41.39 26.28
N TYR A 127 1.30 42.65 26.09
CA TYR A 127 1.96 43.48 25.09
C TYR A 127 1.36 44.88 25.14
N ALA A 128 2.12 45.84 24.61
CA ALA A 128 1.68 47.21 24.46
C ALA A 128 2.01 47.64 23.04
N PRO A 129 1.37 47.04 22.04
CA PRO A 129 1.74 47.32 20.65
C PRO A 129 1.58 48.80 20.31
N ARG A 130 2.51 49.30 19.51
CA ARG A 130 2.48 50.68 19.06
C ARG A 130 1.57 50.82 17.86
N GLN A 131 1.51 52.03 17.31
CA GLN A 131 0.68 52.32 16.14
C GLN A 131 1.58 52.36 14.90
N CYS A 132 1.25 51.56 13.90
CA CYS A 132 1.99 51.51 12.64
C CYS A 132 1.03 51.85 11.50
N GLY A 133 1.45 52.78 10.66
CA GLY A 133 0.63 53.18 9.52
C GLY A 133 1.09 52.55 8.23
N THR A 134 2.40 52.58 7.97
CA THR A 134 2.96 52.00 6.75
C THR A 134 4.21 51.22 7.12
N ILE A 135 4.54 50.24 6.28
CA ILE A 135 5.71 49.39 6.51
C ILE A 135 6.38 49.14 5.15
N PRO A 136 7.70 49.29 5.03
CA PRO A 136 8.35 48.92 3.77
C PRO A 136 8.14 47.45 3.44
N ALA A 137 7.94 47.18 2.15
CA ALA A 137 7.65 45.83 1.70
C ALA A 137 8.89 44.96 1.62
N SER A 138 10.06 45.48 1.98
CA SER A 138 11.29 44.70 1.96
C SER A 138 11.48 43.89 3.24
N GLN A 139 10.55 43.96 4.20
CA GLN A 139 10.67 43.27 5.47
C GLN A 139 9.61 42.22 5.68
N VAL A 140 8.74 41.98 4.71
CA VAL A 140 7.63 41.05 4.84
C VAL A 140 7.97 39.75 4.14
N CYS A 141 7.61 38.63 4.76
CA CYS A 141 7.80 37.30 4.18
C CYS A 141 6.51 36.53 4.41
N GLY A 142 5.59 36.63 3.45
CA GLY A 142 4.32 35.95 3.55
C GLY A 142 3.17 36.93 3.74
N PRO A 143 1.96 36.40 3.85
CA PRO A 143 0.80 37.28 3.98
C PRO A 143 0.82 38.07 5.27
N VAL A 144 0.17 39.22 5.24
CA VAL A 144 -0.01 40.05 6.43
C VAL A 144 -1.47 39.97 6.87
N TYR A 145 -1.79 39.03 7.72
CA TYR A 145 -3.17 38.81 8.14
C TYR A 145 -3.59 39.89 9.13
N CYS A 146 -4.65 40.62 8.82
CA CYS A 146 -5.21 41.61 9.73
C CYS A 146 -6.66 41.29 10.07
N PHE A 147 -7.08 41.77 11.24
CA PHE A 147 -8.23 41.23 11.96
C PHE A 147 -9.27 42.32 12.17
N THR A 148 -10.48 42.06 11.67
CA THR A 148 -11.62 42.97 11.75
C THR A 148 -12.32 43.04 13.10
N PRO A 149 -12.34 41.97 13.94
CA PRO A 149 -11.42 40.82 14.08
C PRO A 149 -11.48 39.70 13.06
N SER A 150 -12.47 39.55 12.20
CA SER A 150 -12.43 38.43 11.27
C SER A 150 -11.17 38.56 10.42
N PRO A 151 -10.42 37.48 10.22
CA PRO A 151 -9.12 37.61 9.54
C PRO A 151 -9.27 38.25 8.17
N VAL A 152 -8.35 39.15 7.85
CA VAL A 152 -8.35 39.88 6.60
C VAL A 152 -6.90 40.03 6.14
N VAL A 153 -6.68 39.96 4.83
CA VAL A 153 -5.34 40.00 4.26
C VAL A 153 -5.15 41.33 3.57
N VAL A 154 -3.99 41.95 3.80
CA VAL A 154 -3.63 43.22 3.18
C VAL A 154 -2.42 42.97 2.29
N GLY A 155 -2.50 43.44 1.04
CA GLY A 155 -1.47 43.21 0.06
C GLY A 155 -0.61 44.44 -0.20
N THR A 156 0.34 44.27 -1.10
CA THR A 156 1.23 45.36 -1.48
C THR A 156 0.50 46.40 -2.32
N THR A 157 0.78 47.67 -2.05
CA THR A 157 0.16 48.77 -2.77
C THR A 157 1.20 49.85 -3.00
N ASP A 158 0.94 50.68 -4.01
CA ASP A 158 1.83 51.79 -4.31
C ASP A 158 1.64 52.91 -3.28
N ARG A 159 2.64 53.79 -3.19
CA ARG A 159 2.54 54.93 -2.30
C ARG A 159 1.24 55.68 -2.51
N PHE A 160 0.86 55.91 -3.77
CA PHE A 160 -0.40 56.57 -4.09
C PHE A 160 -1.59 55.63 -4.02
N GLY A 161 -1.37 54.33 -3.78
CA GLY A 161 -2.44 53.38 -3.61
C GLY A 161 -2.68 52.46 -4.79
N ALA A 162 -1.94 52.62 -5.88
CA ALA A 162 -2.14 51.76 -7.03
C ALA A 162 -1.64 50.36 -6.72
N PRO A 163 -2.45 49.32 -6.84
CA PRO A 163 -1.95 47.96 -6.62
C PRO A 163 -0.81 47.64 -7.58
N THR A 164 0.18 46.92 -7.07
CA THR A 164 1.35 46.52 -7.85
C THR A 164 1.51 45.01 -7.77
N TYR A 165 1.88 44.41 -8.90
CA TYR A 165 2.01 42.96 -9.01
C TYR A 165 3.48 42.64 -9.27
N THR A 166 4.25 42.53 -8.21
CA THR A 166 5.67 42.22 -8.32
C THR A 166 6.15 41.24 -7.26
N TRP A 167 5.24 40.58 -6.53
CA TRP A 167 5.62 39.70 -5.43
C TRP A 167 6.42 40.44 -4.38
N GLY A 168 6.21 41.74 -4.27
CA GLY A 168 6.96 42.53 -3.30
C GLY A 168 8.44 42.56 -3.55
N GLU A 169 8.90 42.13 -4.72
CA GLU A 169 10.33 42.13 -5.00
C GLU A 169 10.86 43.53 -5.19
N ASN A 170 10.05 44.42 -5.75
CA ASN A 170 10.47 45.78 -6.02
C ASN A 170 10.77 46.54 -4.73
N GLU A 171 11.77 47.42 -4.81
CA GLU A 171 12.17 48.19 -3.63
C GLU A 171 11.07 49.14 -3.19
N THR A 172 10.40 49.80 -4.15
CA THR A 172 9.42 50.83 -3.81
C THR A 172 8.16 50.26 -3.19
N ASP A 173 7.96 48.95 -3.22
CA ASP A 173 6.75 48.36 -2.65
C ASP A 173 6.63 48.72 -1.18
N VAL A 174 5.42 49.11 -0.78
CA VAL A 174 5.16 49.52 0.59
C VAL A 174 3.75 49.09 0.95
N LEU A 175 3.56 48.68 2.20
CA LEU A 175 2.24 48.33 2.71
C LEU A 175 1.64 49.54 3.42
N ILE A 176 0.41 49.87 3.07
CA ILE A 176 -0.32 50.98 3.69
C ILE A 176 -1.40 50.36 4.57
N LEU A 177 -1.27 50.57 5.88
CA LEU A 177 -2.26 50.05 6.84
C LEU A 177 -2.33 51.03 8.01
N ASN A 178 -3.28 51.94 7.94
CA ASN A 178 -3.51 52.92 9.00
C ASN A 178 -4.49 52.30 9.99
N ASN A 179 -3.95 51.76 11.08
CA ASN A 179 -4.79 51.04 12.03
C ASN A 179 -5.82 51.95 12.66
N THR A 180 -7.09 51.55 12.56
CA THR A 180 -8.19 52.32 13.14
C THR A 180 -9.26 51.36 13.61
N ARG A 181 -10.00 51.77 14.65
CA ARG A 181 -10.95 50.87 15.28
C ARG A 181 -12.15 50.62 14.36
N PRO A 182 -12.81 49.48 14.51
CA PRO A 182 -13.91 49.13 13.60
C PRO A 182 -14.98 50.20 13.55
N PRO A 183 -15.37 50.79 14.68
CA PRO A 183 -16.38 51.86 14.61
C PRO A 183 -15.94 53.05 13.76
N GLN A 184 -14.64 53.32 13.69
CA GLN A 184 -14.11 54.36 12.82
C GLN A 184 -13.50 53.80 11.55
N GLY A 185 -13.66 52.51 11.29
CA GLY A 185 -13.16 51.89 10.09
C GLY A 185 -11.83 51.17 10.32
N ASN A 186 -11.47 50.33 9.35
CA ASN A 186 -10.22 49.58 9.38
C ASN A 186 -10.23 48.53 10.49
N TRP A 187 -9.06 48.08 10.92
CA TRP A 187 -8.93 46.92 11.80
C TRP A 187 -8.23 47.31 13.09
N PHE A 188 -8.43 46.47 14.12
CA PHE A 188 -7.81 46.70 15.42
C PHE A 188 -6.29 46.83 15.28
N GLY A 189 -5.68 45.85 14.63
CA GLY A 189 -4.24 45.73 14.55
C GLY A 189 -3.93 44.35 14.02
N CYS A 190 -2.68 44.13 13.65
CA CYS A 190 -2.40 42.87 12.98
C CYS A 190 -0.91 42.55 12.99
N THR A 191 -0.56 41.48 12.28
CA THR A 191 0.65 40.71 12.53
C THR A 191 1.19 40.19 11.20
N TRP A 192 2.49 39.88 11.20
CA TRP A 192 3.16 39.27 10.05
C TRP A 192 4.50 38.72 10.54
N MET A 193 5.35 38.29 9.61
CA MET A 193 6.63 37.67 9.91
C MET A 193 7.73 38.49 9.25
N ASN A 194 8.76 38.84 10.01
CA ASN A 194 9.83 39.64 9.44
C ASN A 194 10.77 38.74 8.66
N SER A 195 11.43 39.30 7.65
CA SER A 195 12.20 38.47 6.74
C SER A 195 13.33 37.71 7.42
N THR A 196 13.80 38.16 8.58
CA THR A 196 14.86 37.45 9.29
C THR A 196 14.34 36.25 10.07
N GLY A 197 13.03 36.14 10.26
CA GLY A 197 12.46 35.01 10.97
C GLY A 197 11.95 35.32 12.37
N PHE A 198 11.29 36.47 12.55
CA PHE A 198 10.71 36.82 13.84
C PHE A 198 9.41 37.57 13.63
N THR A 199 8.41 37.26 14.45
CA THR A 199 7.06 37.76 14.25
C THR A 199 6.99 39.24 14.59
N LYS A 200 5.89 39.87 14.16
CA LYS A 200 5.66 41.29 14.42
C LYS A 200 4.18 41.49 14.72
N THR A 201 3.91 42.52 15.52
CA THR A 201 2.53 42.85 15.88
C THR A 201 2.39 44.37 15.87
N CYS A 202 1.14 44.82 15.79
CA CYS A 202 0.88 46.25 15.76
C CYS A 202 -0.62 46.48 15.87
N GLY A 203 -1.00 47.53 16.60
CA GLY A 203 -2.41 47.80 16.80
C GLY A 203 -2.61 49.10 17.55
N GLY A 204 -3.87 49.40 17.80
CA GLY A 204 -4.26 50.64 18.43
C GLY A 204 -3.78 50.71 19.86
N PRO A 205 -3.89 51.89 20.48
CA PRO A 205 -3.40 52.06 21.85
C PRO A 205 -4.07 51.08 22.80
N PRO A 206 -3.32 50.48 23.72
CA PRO A 206 -3.94 49.64 24.74
C PRO A 206 -4.26 50.41 26.01
N CYS A 207 -5.46 50.18 26.52
CA CYS A 207 -5.90 50.86 27.74
C CYS A 207 -5.02 50.48 28.92
N ASN A 208 -4.80 51.45 29.81
CA ASN A 208 -3.76 51.38 30.84
C ASN A 208 -4.38 51.21 32.22
N ILE A 209 -3.75 50.36 33.03
CA ILE A 209 -4.23 50.01 34.36
C ILE A 209 -3.03 49.57 35.18
N GLY A 210 -3.00 49.96 36.45
CA GLY A 210 -1.89 49.55 37.29
C GLY A 210 -2.00 50.06 38.72
N GLY A 211 -0.97 49.72 39.52
CA GLY A 211 -0.85 50.10 40.90
C GLY A 211 0.46 50.82 41.15
N VAL A 212 1.06 50.56 42.32
CA VAL A 212 2.24 51.31 42.74
C VAL A 212 3.43 50.41 43.07
N GLY A 213 3.17 49.17 43.50
CA GLY A 213 4.25 48.28 43.89
C GLY A 213 4.79 47.52 42.69
N ASN A 214 5.19 48.25 41.65
CA ASN A 214 5.43 47.66 40.34
C ASN A 214 4.25 46.77 39.95
N ASN A 215 3.07 47.38 39.94
CA ASN A 215 1.82 46.64 39.85
C ASN A 215 0.99 47.10 38.66
N THR A 216 1.60 47.19 37.49
CA THR A 216 0.95 47.71 36.29
C THR A 216 0.56 46.58 35.36
N LEU A 217 -0.72 46.58 34.95
CA LEU A 217 -1.23 45.65 33.95
C LEU A 217 -1.82 46.48 32.80
N THR A 218 -1.18 46.44 31.65
CA THR A 218 -1.66 47.11 30.45
C THR A 218 -2.32 46.05 29.57
N CYS A 219 -3.59 45.80 29.82
CA CYS A 219 -4.32 44.77 29.07
C CYS A 219 -4.58 45.24 27.65
N PRO A 220 -4.09 44.53 26.63
CA PRO A 220 -4.50 44.84 25.24
C PRO A 220 -5.80 44.17 24.83
N THR A 221 -6.42 43.38 25.70
CA THR A 221 -7.64 42.67 25.36
C THR A 221 -8.30 42.19 26.64
N ASP A 222 -9.60 41.92 26.55
CA ASP A 222 -10.37 41.37 27.66
C ASP A 222 -10.27 42.27 28.89
N CYS A 223 -9.50 41.85 29.89
CA CYS A 223 -9.49 42.49 31.21
C CYS A 223 -10.91 42.90 31.61
N PHE A 224 -11.83 41.94 31.51
CA PHE A 224 -13.23 42.22 31.79
C PHE A 224 -13.44 42.64 33.24
N ARG A 225 -12.94 41.82 34.18
CA ARG A 225 -13.19 42.07 35.59
C ARG A 225 -12.32 43.18 36.17
N LYS A 226 -11.28 43.61 35.46
CA LYS A 226 -10.36 44.60 35.99
C LYS A 226 -10.66 46.01 35.52
N HIS A 227 -11.74 46.22 34.78
CA HIS A 227 -12.15 47.52 34.28
C HIS A 227 -13.66 47.59 34.40
N PRO A 228 -14.22 48.80 34.37
CA PRO A 228 -15.68 48.90 34.17
C PRO A 228 -16.08 48.42 32.79
N GLU A 229 -16.09 47.09 32.64
CA GLU A 229 -16.56 46.42 31.43
C GLU A 229 -15.73 46.82 30.21
N ALA A 230 -14.46 46.44 30.24
CA ALA A 230 -13.60 46.54 29.06
C ALA A 230 -13.91 45.38 28.13
N THR A 231 -14.31 45.71 26.90
CA THR A 231 -14.65 44.71 25.91
C THR A 231 -13.70 44.81 24.72
N TYR A 232 -13.56 43.70 24.01
CA TYR A 232 -12.65 43.64 22.88
C TYR A 232 -12.98 44.71 21.84
N THR A 233 -14.24 45.11 21.75
CA THR A 233 -14.60 46.16 20.79
C THR A 233 -13.99 47.50 21.15
N LYS A 234 -13.48 47.65 22.38
CA LYS A 234 -12.91 48.92 22.84
C LYS A 234 -11.42 48.81 23.07
N CYS A 235 -10.98 47.89 23.93
CA CYS A 235 -9.57 47.77 24.29
C CYS A 235 -8.81 46.77 23.43
N GLY A 236 -9.49 46.09 22.51
CA GLY A 236 -8.85 45.11 21.66
C GLY A 236 -7.81 45.72 20.73
N SER A 237 -6.62 45.13 20.69
CA SER A 237 -5.54 45.60 19.84
C SER A 237 -5.09 44.57 18.82
N GLY A 238 -4.77 43.35 19.25
CA GLY A 238 -4.29 42.33 18.37
C GLY A 238 -5.30 41.21 18.19
N PRO A 239 -4.84 40.03 17.76
CA PRO A 239 -5.72 38.88 17.61
C PRO A 239 -5.96 38.09 18.90
N TRP A 240 -5.65 38.65 20.06
CA TRP A 240 -5.88 37.96 21.33
C TRP A 240 -7.26 38.35 21.85
N LEU A 241 -8.26 37.50 21.59
CA LEU A 241 -9.61 37.80 22.05
C LEU A 241 -9.68 37.85 23.57
N THR A 242 -9.04 36.90 24.23
CA THR A 242 -9.05 36.78 25.67
C THR A 242 -7.73 36.13 26.07
N PRO A 243 -7.33 36.24 27.34
CA PRO A 243 -5.95 35.87 27.67
C PRO A 243 -5.64 34.40 27.47
N ARG A 244 -6.61 33.62 27.01
CA ARG A 244 -6.38 32.23 26.66
C ARG A 244 -7.15 31.86 25.40
N CYS A 245 -7.17 32.76 24.42
CA CYS A 245 -7.86 32.52 23.16
C CYS A 245 -7.12 33.21 22.03
N LEU A 246 -7.37 32.72 20.82
CA LEU A 246 -6.80 33.31 19.62
C LEU A 246 -7.82 33.23 18.49
N VAL A 247 -7.75 34.20 17.58
CA VAL A 247 -8.59 34.19 16.39
C VAL A 247 -7.85 33.37 15.33
N ASP A 248 -8.18 32.09 15.24
CA ASP A 248 -7.45 31.19 14.37
C ASP A 248 -7.55 31.64 12.92
N TYR A 249 -6.46 31.48 12.19
CA TYR A 249 -6.42 31.70 10.76
C TYR A 249 -5.47 30.67 10.15
N PRO A 250 -5.43 30.52 8.83
CA PRO A 250 -4.63 29.43 8.25
C PRO A 250 -3.18 29.43 8.71
N TYR A 251 -2.58 30.60 8.93
CA TYR A 251 -1.17 30.68 9.32
C TYR A 251 -0.98 30.91 10.82
N ARG A 252 -2.00 30.63 11.63
CA ARG A 252 -1.86 30.84 13.06
C ARG A 252 -0.76 29.96 13.64
N LEU A 253 -0.70 28.70 13.21
CA LEU A 253 0.30 27.80 13.75
C LEU A 253 1.71 28.19 13.36
N TRP A 254 1.89 29.12 12.43
CA TRP A 254 3.21 29.55 12.00
C TRP A 254 3.69 30.79 12.74
N HIS A 255 2.79 31.71 13.10
CA HIS A 255 3.19 32.92 13.82
C HIS A 255 3.30 32.69 15.31
N TYR A 256 2.48 31.80 15.87
CA TYR A 256 2.43 31.56 17.31
C TYR A 256 2.52 30.06 17.57
N PRO A 257 3.68 29.46 17.29
CA PRO A 257 3.79 28.00 17.40
C PRO A 257 3.80 27.46 18.83
N CYS A 258 3.63 28.32 19.83
CA CYS A 258 3.45 27.85 21.20
C CYS A 258 1.99 27.60 21.55
N THR A 259 1.07 27.75 20.59
CA THR A 259 -0.34 27.48 20.79
C THR A 259 -0.79 26.22 20.04
N VAL A 260 0.16 25.36 19.66
CA VAL A 260 -0.21 24.16 18.91
C VAL A 260 -1.15 23.29 19.71
N ASN A 261 -1.00 23.27 21.03
CA ASN A 261 -1.87 22.45 21.88
C ASN A 261 -3.28 23.00 21.98
N PHE A 262 -3.54 24.21 21.49
CA PHE A 262 -4.85 24.80 21.64
C PHE A 262 -5.89 24.01 20.85
N THR A 263 -7.13 24.06 21.34
CA THR A 263 -8.26 23.40 20.70
C THR A 263 -9.12 24.42 19.95
N ILE A 264 -10.11 23.90 19.22
CA ILE A 264 -10.93 24.70 18.33
C ILE A 264 -12.24 25.03 19.02
N PHE A 265 -12.81 26.17 18.64
CA PHE A 265 -14.13 26.57 19.09
C PHE A 265 -14.76 27.46 18.02
N LYS A 266 -16.09 27.50 18.02
CA LYS A 266 -16.86 28.37 17.15
C LYS A 266 -17.54 29.43 18.00
N VAL A 267 -17.33 30.70 17.67
CA VAL A 267 -17.79 31.80 18.49
C VAL A 267 -18.57 32.79 17.63
N ARG A 268 -19.46 33.54 18.28
CA ARG A 268 -20.23 34.59 17.66
C ARG A 268 -20.00 35.88 18.45
N MET A 269 -19.65 36.95 17.76
CA MET A 269 -19.31 38.21 18.41
C MET A 269 -20.02 39.37 17.72
N TYR A 270 -20.41 40.35 18.52
CA TYR A 270 -21.02 41.59 18.02
C TYR A 270 -20.06 42.74 18.27
N VAL A 271 -19.76 43.49 17.21
CA VAL A 271 -18.89 44.66 17.29
C VAL A 271 -19.63 45.84 16.69
N GLY A 272 -19.60 46.97 17.39
CA GLY A 272 -20.34 48.14 16.94
C GLY A 272 -21.82 47.85 16.79
N GLY A 273 -22.28 47.79 15.54
CA GLY A 273 -23.67 47.46 15.26
C GLY A 273 -23.79 46.35 14.24
N VAL A 274 -22.76 45.54 14.10
CA VAL A 274 -22.71 44.46 13.13
C VAL A 274 -22.43 43.15 13.86
N GLU A 275 -22.52 42.05 13.11
CA GLU A 275 -22.37 40.71 13.65
C GLU A 275 -21.27 39.97 12.92
N HIS A 276 -20.47 39.20 13.66
CA HIS A 276 -19.35 38.45 13.10
C HIS A 276 -19.47 36.99 13.52
N ARG A 277 -19.36 36.09 12.56
CA ARG A 277 -19.26 34.66 12.82
C ARG A 277 -17.80 34.26 12.67
N LEU A 278 -17.25 33.63 13.71
CA LEU A 278 -15.82 33.39 13.75
C LEU A 278 -15.55 32.11 14.55
N ASN A 279 -14.41 31.49 14.24
CA ASN A 279 -13.89 30.36 15.00
C ASN A 279 -12.60 30.78 15.69
N ALA A 280 -12.54 30.60 17.00
CA ALA A 280 -11.39 31.01 17.79
C ALA A 280 -10.79 29.80 18.48
N ALA A 281 -9.46 29.83 18.65
CA ALA A 281 -8.71 28.75 19.27
C ALA A 281 -8.42 29.12 20.71
N CYS A 282 -8.99 28.36 21.65
CA CYS A 282 -8.78 28.56 23.07
C CYS A 282 -8.32 27.25 23.69
N ASN A 283 -7.37 27.34 24.62
CA ASN A 283 -6.88 26.14 25.28
C ASN A 283 -7.83 25.71 26.39
N ILE A 284 -7.71 24.44 26.78
CA ILE A 284 -8.56 23.87 27.82
C ILE A 284 -7.84 23.94 29.16
N GLY A 285 -6.84 24.81 29.27
CA GLY A 285 -6.22 25.07 30.56
C GLY A 285 -7.29 25.22 31.62
N HIS A 286 -7.10 24.58 32.77
CA HIS A 286 -8.13 24.52 33.80
C HIS A 286 -8.81 25.88 33.97
N HIS A 287 -10.12 25.90 33.71
CA HIS A 287 -10.89 27.13 33.74
C HIS A 287 -12.38 26.84 33.56
N HIS A 288 -13.20 27.88 33.59
CA HIS A 288 -14.63 27.78 33.33
C HIS A 288 -14.92 28.74 32.17
N HIS A 289 -15.12 28.17 30.98
CA HIS A 289 -15.11 28.95 29.74
C HIS A 289 -16.43 29.66 29.45
N HIS A 290 -17.42 29.55 30.34
CA HIS A 290 -18.67 30.27 30.16
C HIS A 290 -18.64 31.67 30.78
N HIS A 291 -17.44 32.20 31.01
CA HIS A 291 -17.24 33.51 31.63
C HIS A 291 -18.37 33.87 32.60
N ALA B 30 3.62 -1.07 -17.85
CA ALA B 30 3.52 0.13 -18.74
C ALA B 30 4.78 0.26 -19.60
N GLU B 31 4.90 1.38 -20.29
CA GLU B 31 6.05 1.62 -21.15
C GLU B 31 7.29 1.78 -20.28
N VAL B 32 8.37 1.11 -20.67
CA VAL B 32 9.61 1.09 -19.90
C VAL B 32 10.48 2.25 -20.35
N LYS B 33 10.87 3.10 -19.40
CA LYS B 33 11.69 4.26 -19.72
C LYS B 33 13.15 3.85 -19.92
N LYS B 34 13.75 4.39 -20.97
CA LYS B 34 15.15 4.10 -21.23
C LYS B 34 16.01 4.69 -20.11
N PRO B 35 17.10 4.02 -19.74
CA PRO B 35 17.97 4.58 -18.70
C PRO B 35 18.64 5.86 -19.16
N GLY B 36 18.91 6.74 -18.21
CA GLY B 36 19.48 8.04 -18.50
C GLY B 36 18.48 9.08 -18.96
N SER B 37 17.19 8.77 -18.99
CA SER B 37 16.15 9.69 -19.42
C SER B 37 15.62 10.46 -18.21
N SER B 38 14.48 11.13 -18.38
CA SER B 38 13.85 11.88 -17.31
C SER B 38 12.35 11.60 -17.33
N VAL B 39 11.73 11.76 -16.15
CA VAL B 39 10.31 11.51 -15.98
C VAL B 39 9.68 12.70 -15.25
N LYS B 40 8.38 12.88 -15.46
CA LYS B 40 7.63 13.95 -14.81
C LYS B 40 6.39 13.39 -14.14
N VAL B 41 6.12 13.85 -12.92
CA VAL B 41 4.93 13.51 -12.18
C VAL B 41 4.20 14.80 -11.88
N SER B 42 2.89 14.84 -12.16
CA SER B 42 2.11 16.05 -12.06
C SER B 42 1.08 15.94 -10.94
N CYS B 43 0.89 17.04 -10.21
CA CYS B 43 -0.11 17.14 -9.16
C CYS B 43 -0.86 18.46 -9.29
N GLU B 44 -2.17 18.42 -9.06
CA GLU B 44 -2.96 19.63 -9.15
C GLU B 44 -2.47 20.67 -8.14
N ALA B 45 -2.31 21.90 -8.61
CA ALA B 45 -1.76 22.98 -7.80
C ALA B 45 -2.67 24.20 -7.89
N SER B 46 -2.50 25.10 -6.92
CA SER B 46 -3.30 26.31 -6.88
C SER B 46 -3.04 27.15 -8.12
N GLY B 47 -4.08 27.83 -8.58
CA GLY B 47 -4.01 28.68 -9.75
C GLY B 47 -3.49 30.08 -9.49
N GLY B 48 -3.05 30.37 -8.27
CA GLY B 48 -2.54 31.69 -7.94
C GLY B 48 -3.32 32.37 -6.84
N THR B 49 -3.91 31.58 -5.94
CA THR B 49 -4.65 32.10 -4.81
C THR B 49 -4.30 31.28 -3.58
N HIS B 50 -4.96 31.59 -2.46
CA HIS B 50 -4.71 30.86 -1.23
C HIS B 50 -4.96 29.37 -1.44
N SER B 51 -4.00 28.56 -1.03
CA SER B 51 -4.06 27.10 -1.21
C SER B 51 -4.59 26.40 0.04
N ASN B 52 -3.88 26.55 1.16
CA ASN B 52 -4.20 25.84 2.40
C ASN B 52 -3.87 24.35 2.30
N TYR B 53 -2.80 24.02 1.59
CA TYR B 53 -2.31 22.65 1.56
C TYR B 53 -0.88 22.64 1.05
N VAL B 54 -0.10 21.68 1.52
CA VAL B 54 1.30 21.51 1.14
C VAL B 54 1.43 20.18 0.43
N ILE B 55 2.04 20.19 -0.73
CA ILE B 55 2.14 19.01 -1.58
C ILE B 55 3.44 18.29 -1.27
N THR B 56 3.44 16.99 -1.50
CA THR B 56 4.63 16.16 -1.34
C THR B 56 4.54 14.99 -2.29
N TRP B 57 5.67 14.34 -2.53
CA TRP B 57 5.75 13.19 -3.43
C TRP B 57 6.39 12.04 -2.68
N VAL B 58 5.75 10.87 -2.76
CA VAL B 58 6.21 9.67 -2.06
C VAL B 58 6.30 8.54 -3.08
N ARG B 59 7.31 7.68 -2.91
CA ARG B 59 7.54 6.55 -3.79
C ARG B 59 7.58 5.27 -2.98
N GLN B 60 7.16 4.17 -3.60
CA GLN B 60 7.11 2.87 -2.94
C GLN B 60 7.61 1.81 -3.93
N ALA B 61 8.86 1.38 -3.75
CA ALA B 61 9.36 0.26 -4.53
C ALA B 61 8.60 -1.01 -4.13
N PRO B 62 8.49 -1.99 -5.03
CA PRO B 62 7.66 -3.17 -4.73
C PRO B 62 8.03 -3.83 -3.41
N GLY B 63 7.11 -3.74 -2.44
CA GLY B 63 7.32 -4.36 -1.15
C GLY B 63 8.56 -3.88 -0.42
N GLN B 64 8.83 -2.57 -0.46
CA GLN B 64 10.00 -2.01 0.19
C GLN B 64 9.67 -0.82 1.08
N GLY B 65 8.40 -0.52 1.30
CA GLY B 65 8.04 0.63 2.12
C GLY B 65 8.02 1.93 1.33
N LEU B 66 7.88 3.02 2.06
CA LEU B 66 7.71 4.34 1.48
C LEU B 66 8.99 5.16 1.64
N GLU B 67 9.10 6.21 0.82
CA GLU B 67 10.23 7.12 0.87
C GLU B 67 9.76 8.51 0.48
N TRP B 68 10.53 9.52 0.89
CA TRP B 68 10.19 10.91 0.64
C TRP B 68 11.19 11.54 -0.33
N MET B 69 10.72 12.49 -1.14
CA MET B 69 11.56 13.21 -2.08
C MET B 69 11.59 14.70 -1.83
N GLY B 70 10.44 15.34 -1.71
CA GLY B 70 10.43 16.77 -1.49
C GLY B 70 9.03 17.28 -1.24
N GLY B 71 8.93 18.59 -1.06
CA GLY B 71 7.66 19.24 -0.84
C GLY B 71 7.53 20.49 -1.69
N PHE B 72 6.41 21.18 -1.51
CA PHE B 72 6.15 22.41 -2.22
C PHE B 72 4.97 23.14 -1.59
N ILE B 73 5.10 24.44 -1.37
CA ILE B 73 4.05 25.22 -0.74
C ILE B 73 3.51 26.23 -1.75
N PRO B 74 2.29 26.07 -2.26
CA PRO B 74 1.83 26.96 -3.33
C PRO B 74 1.97 28.43 -2.99
N ASP B 75 1.71 28.82 -1.74
CA ASP B 75 1.84 30.21 -1.34
C ASP B 75 3.29 30.67 -1.47
N PHE B 76 4.24 29.86 -1.00
CA PHE B 76 5.66 30.18 -1.06
C PHE B 76 6.31 29.28 -2.10
N ARG B 77 6.68 29.86 -3.24
CA ARG B 77 7.25 29.05 -4.32
C ARG B 77 8.43 28.22 -3.87
N THR B 78 9.03 28.54 -2.73
CA THR B 78 10.18 27.77 -2.25
C THR B 78 9.82 26.30 -2.10
N ALA B 79 10.69 25.42 -2.60
CA ALA B 79 10.52 23.99 -2.50
C ALA B 79 11.47 23.43 -1.46
N MET B 80 11.28 22.14 -1.17
CA MET B 80 12.09 21.44 -0.18
C MET B 80 12.43 20.06 -0.72
N TYR B 81 13.72 19.74 -0.75
CA TYR B 81 14.21 18.50 -1.34
C TYR B 81 14.82 17.60 -0.28
N ALA B 82 14.63 16.30 -0.43
CA ALA B 82 15.18 15.35 0.51
C ALA B 82 16.67 15.13 0.25
N GLN B 83 17.36 14.61 1.27
CA GLN B 83 18.81 14.43 1.16
C GLN B 83 19.16 13.41 0.09
N GLY B 84 18.38 12.33 0.00
CA GLY B 84 18.76 11.24 -0.89
C GLY B 84 18.80 11.64 -2.35
N PHE B 85 17.78 12.37 -2.81
CA PHE B 85 17.62 12.69 -4.23
C PHE B 85 17.92 14.17 -4.52
N GLN B 86 18.90 14.73 -3.83
CA GLN B 86 19.17 16.16 -3.98
C GLN B 86 19.58 16.50 -5.41
N GLY B 87 20.43 15.67 -6.01
CA GLY B 87 21.03 16.00 -7.28
C GLY B 87 20.24 15.61 -8.53
N ARG B 88 19.03 15.08 -8.38
CA ARG B 88 18.26 14.62 -9.52
C ARG B 88 16.83 15.13 -9.57
N VAL B 89 16.34 15.79 -8.52
CA VAL B 89 14.95 16.24 -8.47
C VAL B 89 14.92 17.74 -8.71
N THR B 90 13.81 18.20 -9.29
CA THR B 90 13.58 19.62 -9.52
C THR B 90 12.08 19.87 -9.52
N ILE B 91 11.61 20.67 -8.57
CA ILE B 91 10.18 20.90 -8.37
C ILE B 91 9.85 22.30 -8.89
N THR B 92 8.89 22.38 -9.81
CA THR B 92 8.43 23.64 -10.33
C THR B 92 6.96 23.51 -10.70
N ALA B 93 6.27 24.64 -10.75
CA ALA B 93 4.83 24.66 -10.97
C ALA B 93 4.48 25.77 -11.96
N ASP B 94 3.32 25.61 -12.60
CA ASP B 94 2.78 26.59 -13.53
C ASP B 94 1.41 27.01 -13.02
N GLU B 95 1.31 28.26 -12.55
CA GLU B 95 0.04 28.73 -11.98
C GLU B 95 -1.03 28.87 -13.05
N SER B 96 -0.64 29.19 -14.28
CA SER B 96 -1.63 29.35 -15.35
C SER B 96 -2.40 28.05 -15.57
N THR B 97 -1.71 26.92 -15.57
CA THR B 97 -2.35 25.62 -15.72
C THR B 97 -2.80 25.02 -14.40
N SER B 98 -2.50 25.68 -13.27
CA SER B 98 -2.87 25.18 -11.95
C SER B 98 -2.37 23.76 -11.75
N LEU B 99 -1.14 23.49 -12.20
CA LEU B 99 -0.54 22.17 -12.11
C LEU B 99 0.91 22.33 -11.68
N ALA B 100 1.35 21.45 -10.78
CA ALA B 100 2.73 21.41 -10.31
C ALA B 100 3.31 20.04 -10.59
N TYR B 101 4.56 20.00 -11.05
CA TYR B 101 5.19 18.76 -11.44
C TYR B 101 6.61 18.69 -10.88
N MET B 102 7.12 17.46 -10.77
CA MET B 102 8.49 17.20 -10.35
C MET B 102 9.20 16.46 -11.47
N GLU B 103 10.44 16.86 -11.74
CA GLU B 103 11.25 16.25 -12.78
C GLU B 103 12.37 15.45 -12.15
N LEU B 104 12.45 14.17 -12.48
CA LEU B 104 13.51 13.28 -12.03
C LEU B 104 14.34 12.87 -13.25
N THR B 105 15.65 13.05 -13.15
CA THR B 105 16.55 12.85 -14.28
C THR B 105 17.54 11.73 -13.99
N ASN B 106 17.99 11.07 -15.06
CA ASN B 106 19.00 10.02 -14.98
C ASN B 106 18.49 8.84 -14.17
N LEU B 107 17.40 8.24 -14.65
CA LEU B 107 16.84 7.07 -13.97
C LEU B 107 17.79 5.88 -14.09
N ARG B 108 17.80 5.07 -13.04
CA ARG B 108 18.57 3.84 -12.99
C ARG B 108 17.64 2.70 -12.57
N SER B 109 18.18 1.49 -12.51
CA SER B 109 17.35 0.31 -12.24
C SER B 109 16.56 0.46 -10.95
N GLU B 110 17.18 1.02 -9.91
CA GLU B 110 16.51 1.15 -8.62
C GLU B 110 15.36 2.17 -8.63
N ASP B 111 15.22 2.95 -9.70
CA ASP B 111 14.17 3.96 -9.77
C ASP B 111 12.87 3.42 -10.34
N THR B 112 12.63 2.11 -10.23
CA THR B 112 11.37 1.51 -10.66
C THR B 112 10.49 1.35 -9.44
N ALA B 113 9.37 2.07 -9.43
CA ALA B 113 8.47 2.06 -8.28
C ALA B 113 7.19 2.79 -8.68
N VAL B 114 6.30 2.94 -7.70
CA VAL B 114 5.02 3.61 -7.88
C VAL B 114 5.11 4.99 -7.22
N TYR B 115 4.71 6.02 -7.94
CA TYR B 115 4.85 7.41 -7.50
C TYR B 115 3.50 7.94 -7.01
N TYR B 116 3.44 8.30 -5.74
CA TYR B 116 2.24 8.86 -5.14
C TYR B 116 2.36 10.37 -5.03
N CYS B 117 1.28 10.99 -4.57
CA CYS B 117 1.22 12.45 -4.48
C CYS B 117 0.17 12.81 -3.42
N ALA B 118 0.65 13.18 -2.24
CA ALA B 118 -0.24 13.47 -1.12
C ALA B 118 -0.50 14.96 -0.98
N ARG B 119 -1.41 15.31 -0.07
CA ARG B 119 -1.74 16.71 0.20
C ARG B 119 -2.25 16.81 1.63
N GLY B 120 -1.40 17.32 2.52
CA GLY B 120 -1.76 17.47 3.92
C GLY B 120 -2.07 18.90 4.28
N PRO B 121 -2.57 19.13 5.48
CA PRO B 121 -2.85 20.50 5.92
C PRO B 121 -1.60 21.36 5.91
N LEU B 122 -1.81 22.66 6.18
CA LEU B 122 -0.75 23.63 5.98
C LEU B 122 0.40 23.41 6.97
N SER B 123 0.09 23.30 8.26
CA SER B 123 1.14 23.22 9.27
C SER B 123 0.84 22.16 10.32
N ARG B 124 0.16 21.08 9.94
CA ARG B 124 -0.06 19.96 10.84
C ARG B 124 0.86 18.78 10.54
N GLY B 125 1.41 18.71 9.34
CA GLY B 125 2.43 17.72 9.03
C GLY B 125 1.95 16.29 9.03
N TYR B 126 0.73 16.02 8.60
CA TYR B 126 0.26 14.67 8.33
C TYR B 126 -0.42 14.68 6.97
N TYR B 127 -0.10 13.70 6.14
CA TYR B 127 -0.48 13.71 4.74
C TYR B 127 -1.75 12.89 4.54
N ASP B 128 -2.78 13.54 4.02
CA ASP B 128 -4.09 12.94 3.81
C ASP B 128 -4.49 13.10 2.35
N TYR B 129 -5.44 12.27 1.92
CA TYR B 129 -5.90 12.27 0.53
C TYR B 129 -4.74 11.93 -0.42
N TRP B 130 -4.27 10.71 -0.27
CA TRP B 130 -3.24 10.19 -1.17
C TRP B 130 -3.87 9.89 -2.54
N GLY B 131 -3.41 10.58 -3.57
CA GLY B 131 -3.97 10.43 -4.90
C GLY B 131 -3.53 9.14 -5.56
N PRO B 132 -4.11 8.84 -6.72
CA PRO B 132 -3.73 7.61 -7.43
C PRO B 132 -2.26 7.60 -7.77
N GLY B 133 -1.67 6.41 -7.72
CA GLY B 133 -0.25 6.27 -8.01
C GLY B 133 0.03 6.13 -9.50
N THR B 134 1.29 6.35 -9.84
CA THR B 134 1.78 6.21 -11.21
C THR B 134 2.95 5.24 -11.19
N LEU B 135 2.96 4.30 -12.14
CA LEU B 135 3.99 3.29 -12.22
C LEU B 135 4.94 3.62 -13.38
N VAL B 136 6.24 3.58 -13.10
CA VAL B 136 7.28 3.78 -14.10
C VAL B 136 8.27 2.65 -13.98
N THR B 137 8.67 2.09 -15.11
CA THR B 137 9.60 0.97 -15.15
C THR B 137 10.79 1.32 -16.03
N VAL B 138 11.97 0.85 -15.64
CA VAL B 138 13.18 0.98 -16.43
C VAL B 138 13.78 -0.41 -16.59
N SER B 139 14.53 -0.59 -17.68
CA SER B 139 15.10 -1.89 -18.03
C SER B 139 16.62 -1.83 -17.81
N ALA B 140 17.01 -2.05 -16.55
CA ALA B 140 18.41 -2.23 -16.16
C ALA B 140 19.35 -1.39 -17.01
N SER B 141 20.39 -2.01 -17.56
CA SER B 141 21.32 -1.37 -18.48
C SER B 141 21.70 -2.41 -19.54
N THR B 142 22.74 -2.11 -20.31
CA THR B 142 23.26 -3.04 -21.30
C THR B 142 24.74 -3.26 -21.05
N LYS B 143 25.11 -4.50 -20.76
CA LYS B 143 26.50 -4.83 -20.50
C LYS B 143 26.80 -6.22 -21.03
N GLY B 144 28.09 -6.51 -21.19
CA GLY B 144 28.51 -7.78 -21.74
C GLY B 144 28.36 -8.91 -20.75
N PRO B 145 28.57 -10.15 -21.21
CA PRO B 145 28.41 -11.31 -20.33
C PRO B 145 29.70 -11.59 -19.55
N SER B 146 29.58 -12.56 -18.65
CA SER B 146 30.71 -13.08 -17.88
C SER B 146 30.78 -14.58 -18.10
N VAL B 147 31.96 -15.05 -18.50
CA VAL B 147 32.17 -16.45 -18.86
C VAL B 147 33.01 -17.11 -17.78
N PHE B 148 32.60 -18.30 -17.35
CA PHE B 148 33.34 -19.11 -16.40
C PHE B 148 33.38 -20.55 -16.89
N PRO B 149 34.42 -21.31 -16.54
CA PRO B 149 34.49 -22.70 -16.97
C PRO B 149 33.88 -23.64 -15.93
N LEU B 150 33.64 -24.87 -16.37
CA LEU B 150 33.13 -25.92 -15.50
C LEU B 150 34.05 -27.12 -15.62
N ALA B 151 34.65 -27.53 -14.52
CA ALA B 151 35.68 -28.56 -14.56
C ALA B 151 35.06 -29.92 -14.86
N PRO B 152 35.53 -30.64 -15.88
CA PRO B 152 35.03 -32.00 -16.08
C PRO B 152 35.54 -32.94 -15.01
N SER B 153 34.78 -34.01 -14.80
CA SER B 153 35.18 -35.03 -13.84
C SER B 153 36.53 -35.59 -14.23
N SER B 154 37.46 -35.59 -13.28
CA SER B 154 38.81 -36.09 -13.51
C SER B 154 38.96 -37.57 -13.18
N LYS B 155 37.88 -38.24 -12.82
CA LYS B 155 37.94 -39.65 -12.45
C LYS B 155 37.68 -40.54 -13.66
N SER B 156 38.36 -41.68 -13.70
CA SER B 156 38.19 -42.63 -14.79
C SER B 156 36.79 -43.22 -14.78
N THR B 157 36.21 -43.37 -15.96
CA THR B 157 34.87 -43.92 -16.13
C THR B 157 34.91 -45.08 -17.10
N SER B 158 34.21 -46.16 -16.76
CA SER B 158 34.17 -47.33 -17.64
C SER B 158 33.55 -46.97 -18.98
N GLY B 159 32.45 -46.22 -18.96
CA GLY B 159 31.84 -45.80 -20.21
C GLY B 159 32.75 -44.89 -21.03
N GLY B 160 33.55 -44.08 -20.34
CA GLY B 160 34.45 -43.17 -21.02
C GLY B 160 33.81 -41.90 -21.51
N THR B 161 32.77 -41.42 -20.84
CA THR B 161 32.04 -40.22 -21.24
C THR B 161 32.14 -39.20 -20.13
N ALA B 162 32.48 -37.96 -20.48
CA ALA B 162 32.55 -36.87 -19.53
C ALA B 162 31.89 -35.64 -20.14
N ALA B 163 31.44 -34.74 -19.28
CA ALA B 163 30.69 -33.56 -19.70
C ALA B 163 31.46 -32.30 -19.32
N LEU B 164 31.80 -31.51 -20.33
CA LEU B 164 32.40 -30.19 -20.14
C LEU B 164 31.31 -29.13 -20.28
N GLY B 165 31.54 -27.98 -19.65
CA GLY B 165 30.54 -26.94 -19.68
C GLY B 165 31.09 -25.53 -19.53
N CYS B 166 30.56 -24.60 -20.33
CA CYS B 166 30.93 -23.20 -20.29
C CYS B 166 29.69 -22.39 -19.97
N LEU B 167 29.76 -21.61 -18.89
CA LEU B 167 28.61 -20.89 -18.35
C LEU B 167 28.75 -19.42 -18.67
N VAL B 168 27.69 -18.84 -19.23
CA VAL B 168 27.61 -17.41 -19.50
C VAL B 168 26.43 -16.86 -18.72
N LYS B 169 26.68 -15.86 -17.88
CA LYS B 169 25.64 -15.32 -17.02
C LYS B 169 25.89 -13.84 -16.78
N ASP B 170 24.87 -13.18 -16.25
CA ASP B 170 24.98 -11.77 -15.86
C ASP B 170 25.10 -10.88 -17.10
N TYR B 171 24.21 -11.09 -18.07
CA TYR B 171 24.24 -10.38 -19.33
C TYR B 171 22.86 -9.86 -19.69
N PHE B 172 22.83 -8.77 -20.46
CA PHE B 172 21.60 -8.13 -20.89
C PHE B 172 21.93 -7.23 -22.07
N PRO B 173 21.09 -7.17 -23.11
CA PRO B 173 19.84 -7.90 -23.35
C PRO B 173 20.09 -9.24 -24.03
N GLU B 174 19.09 -9.83 -24.67
CA GLU B 174 19.20 -11.12 -25.33
C GLU B 174 19.17 -10.93 -26.84
N PRO B 175 19.61 -11.94 -27.61
CA PRO B 175 20.16 -13.24 -27.23
C PRO B 175 21.67 -13.34 -27.40
N VAL B 176 22.23 -14.53 -27.16
CA VAL B 176 23.65 -14.80 -27.38
C VAL B 176 23.77 -16.10 -28.16
N THR B 177 24.93 -16.28 -28.77
CA THR B 177 25.24 -17.48 -29.54
C THR B 177 26.51 -18.10 -29.00
N VAL B 178 26.49 -19.41 -28.77
CA VAL B 178 27.63 -20.13 -28.23
C VAL B 178 28.06 -21.16 -29.26
N SER B 179 29.35 -21.20 -29.56
CA SER B 179 29.91 -22.16 -30.50
C SER B 179 31.21 -22.69 -29.92
N TRP B 180 31.57 -23.90 -30.34
CA TRP B 180 32.74 -24.59 -29.81
C TRP B 180 33.73 -24.80 -30.94
N ASN B 181 35.02 -24.54 -30.66
CA ASN B 181 36.10 -24.70 -31.62
C ASN B 181 35.74 -24.03 -32.95
N SER B 182 35.41 -22.75 -32.87
CA SER B 182 34.99 -21.96 -34.03
C SER B 182 33.77 -22.55 -34.70
N GLY B 183 32.98 -23.33 -33.97
CA GLY B 183 31.82 -24.00 -34.53
C GLY B 183 32.12 -25.30 -35.23
N ALA B 184 33.38 -25.73 -35.26
CA ALA B 184 33.74 -26.97 -35.96
C ALA B 184 33.25 -28.21 -35.22
N LEU B 185 32.75 -28.08 -34.00
CA LEU B 185 32.26 -29.20 -33.21
C LEU B 185 30.79 -28.96 -32.90
N THR B 186 29.94 -29.90 -33.33
CA THR B 186 28.51 -29.76 -33.12
C THR B 186 27.80 -31.06 -32.75
N SER B 187 28.53 -32.16 -32.57
CA SER B 187 27.92 -33.44 -32.22
C SER B 187 27.82 -33.54 -30.70
N GLY B 188 26.59 -33.41 -30.19
CA GLY B 188 26.34 -33.47 -28.77
C GLY B 188 26.25 -32.14 -28.07
N VAL B 189 26.45 -31.03 -28.78
CA VAL B 189 26.37 -29.71 -28.16
C VAL B 189 24.96 -29.49 -27.64
N HIS B 190 24.86 -29.01 -26.40
CA HIS B 190 23.59 -28.69 -25.77
C HIS B 190 23.65 -27.26 -25.26
N THR B 191 22.63 -26.47 -25.57
CA THR B 191 22.57 -25.06 -25.18
C THR B 191 21.21 -24.82 -24.54
N PHE B 192 21.16 -24.82 -23.22
CA PHE B 192 19.90 -24.65 -22.54
C PHE B 192 19.38 -23.23 -22.74
N PRO B 193 18.06 -23.05 -22.80
CA PRO B 193 17.53 -21.70 -23.05
C PRO B 193 17.80 -20.78 -21.87
N ALA B 194 17.89 -19.50 -22.18
CA ALA B 194 18.18 -18.50 -21.16
C ALA B 194 17.07 -18.46 -20.11
N VAL B 195 17.48 -18.34 -18.85
CA VAL B 195 16.57 -18.28 -17.72
C VAL B 195 16.81 -16.96 -17.01
N LEU B 196 15.73 -16.22 -16.74
CA LEU B 196 15.85 -14.93 -16.10
C LEU B 196 16.35 -15.08 -14.67
N GLN B 197 17.31 -14.26 -14.29
CA GLN B 197 17.85 -14.27 -12.95
C GLN B 197 17.01 -13.38 -12.03
N SER B 198 17.23 -13.53 -10.72
CA SER B 198 16.48 -12.74 -9.75
C SER B 198 16.82 -11.26 -9.87
N SER B 199 18.09 -10.94 -10.10
CA SER B 199 18.51 -9.54 -10.14
C SER B 199 17.78 -8.77 -11.24
N GLY B 200 17.65 -9.39 -12.41
CA GLY B 200 17.03 -8.72 -13.55
C GLY B 200 17.74 -9.06 -14.84
N LEU B 201 18.96 -9.56 -14.71
CA LEU B 201 19.76 -10.00 -15.85
C LEU B 201 19.46 -11.47 -16.12
N TYR B 202 20.25 -12.10 -16.99
CA TYR B 202 19.98 -13.43 -17.49
C TYR B 202 21.08 -14.41 -17.09
N SER B 203 20.83 -15.67 -17.41
CA SER B 203 21.82 -16.74 -17.22
C SER B 203 21.62 -17.75 -18.33
N LEU B 204 22.55 -18.68 -18.44
CA LEU B 204 22.52 -19.66 -19.52
C LEU B 204 23.54 -20.75 -19.18
N SER B 205 23.68 -21.72 -20.07
CA SER B 205 24.71 -22.72 -19.93
C SER B 205 24.97 -23.33 -21.31
N SER B 206 26.12 -23.99 -21.43
CA SER B 206 26.47 -24.69 -22.65
C SER B 206 27.31 -25.90 -22.25
N VAL B 207 26.93 -27.07 -22.72
CA VAL B 207 27.50 -28.32 -22.24
C VAL B 207 27.69 -29.26 -23.41
N VAL B 208 28.76 -30.05 -23.37
CA VAL B 208 29.04 -31.05 -24.39
C VAL B 208 29.57 -32.30 -23.70
N THR B 209 29.19 -33.47 -24.21
CA THR B 209 29.64 -34.75 -23.71
C THR B 209 30.59 -35.37 -24.72
N VAL B 210 31.79 -35.73 -24.26
CA VAL B 210 32.85 -36.18 -25.17
C VAL B 210 33.58 -37.36 -24.56
N PRO B 211 34.26 -38.15 -25.39
CA PRO B 211 34.99 -39.31 -24.86
C PRO B 211 36.03 -38.90 -23.84
N SER B 212 36.17 -39.72 -22.80
CA SER B 212 37.13 -39.42 -21.75
C SER B 212 38.56 -39.47 -22.27
N SER B 213 38.87 -40.45 -23.11
CA SER B 213 40.25 -40.65 -23.56
C SER B 213 40.76 -39.53 -24.45
N SER B 214 39.88 -38.67 -24.96
CA SER B 214 40.29 -37.56 -25.82
C SER B 214 40.40 -36.25 -25.05
N LEU B 215 40.39 -36.31 -23.72
CA LEU B 215 40.38 -35.08 -22.93
C LEU B 215 41.66 -34.29 -23.12
N GLY B 216 42.82 -34.93 -22.95
CA GLY B 216 44.08 -34.23 -22.92
C GLY B 216 44.73 -33.99 -24.27
N THR B 217 44.30 -34.70 -25.31
CA THR B 217 44.90 -34.58 -26.62
C THR B 217 44.20 -33.56 -27.51
N GLN B 218 43.03 -33.08 -27.12
CA GLN B 218 42.27 -32.14 -27.92
C GLN B 218 41.99 -30.89 -27.10
N THR B 219 41.91 -29.75 -27.79
CA THR B 219 41.72 -28.45 -27.14
C THR B 219 40.28 -28.00 -27.29
N TYR B 220 39.68 -27.61 -26.17
CA TYR B 220 38.28 -27.21 -26.12
C TYR B 220 38.18 -25.73 -25.79
N ILE B 221 37.42 -24.99 -26.59
CA ILE B 221 37.25 -23.55 -26.43
C ILE B 221 35.77 -23.22 -26.52
N CYS B 222 35.27 -22.44 -25.58
CA CYS B 222 33.89 -21.97 -25.59
C CYS B 222 33.86 -20.56 -26.16
N ASN B 223 33.19 -20.39 -27.30
CA ASN B 223 33.15 -19.13 -28.01
C ASN B 223 31.80 -18.45 -27.72
N VAL B 224 31.86 -17.27 -27.09
CA VAL B 224 30.67 -16.52 -26.74
C VAL B 224 30.75 -15.17 -27.47
N ASN B 225 29.70 -14.85 -28.22
CA ASN B 225 29.61 -13.57 -28.91
C ASN B 225 28.27 -12.93 -28.60
N HIS B 226 28.28 -11.62 -28.38
CA HIS B 226 27.10 -10.89 -27.95
C HIS B 226 27.13 -9.54 -28.66
N LYS B 227 26.38 -9.44 -29.76
CA LYS B 227 26.42 -8.24 -30.60
C LYS B 227 26.01 -6.98 -29.86
N PRO B 228 24.91 -6.96 -29.08
CA PRO B 228 24.47 -5.71 -28.45
C PRO B 228 25.57 -4.98 -27.69
N SER B 229 26.59 -5.72 -27.24
CA SER B 229 27.72 -5.12 -26.56
C SER B 229 29.03 -5.26 -27.32
N ASN B 230 29.01 -5.83 -28.52
CA ASN B 230 30.23 -6.05 -29.31
C ASN B 230 31.28 -6.80 -28.50
N THR B 231 30.83 -7.88 -27.85
CA THR B 231 31.67 -8.68 -26.97
C THR B 231 31.94 -10.03 -27.61
N LYS B 232 33.20 -10.36 -27.83
CA LYS B 232 33.63 -11.69 -28.26
C LYS B 232 34.67 -12.17 -27.27
N VAL B 233 34.32 -13.19 -26.49
CA VAL B 233 35.20 -13.73 -25.46
C VAL B 233 35.38 -15.21 -25.70
N ASP B 234 36.62 -15.68 -25.64
CA ASP B 234 36.95 -17.09 -25.75
C ASP B 234 37.55 -17.58 -24.44
N LYS B 235 37.28 -18.83 -24.09
CA LYS B 235 37.77 -19.39 -22.84
C LYS B 235 38.14 -20.85 -23.04
N ARG B 236 39.29 -21.24 -22.51
CA ARG B 236 39.72 -22.63 -22.56
C ARG B 236 39.20 -23.36 -21.33
N VAL B 237 38.78 -24.60 -21.52
CA VAL B 237 38.27 -25.45 -20.46
C VAL B 237 39.06 -26.74 -20.48
N GLU B 238 39.82 -27.00 -19.42
CA GLU B 238 40.56 -28.25 -19.28
C GLU B 238 40.36 -28.76 -17.86
N PRO B 239 40.51 -30.05 -17.64
CA PRO B 239 40.32 -30.59 -16.28
C PRO B 239 41.17 -29.85 -15.27
N LYS B 240 40.55 -29.52 -14.13
CA LYS B 240 41.24 -28.76 -13.10
C LYS B 240 42.25 -29.65 -12.38
N SER B 241 43.10 -29.01 -11.58
CA SER B 241 44.14 -29.71 -10.85
C SER B 241 43.58 -30.35 -9.59
N CYS B 242 44.31 -31.33 -9.07
CA CYS B 242 43.97 -32.00 -7.82
C CYS B 242 45.18 -32.06 -6.91
N ASP B 243 46.05 -31.06 -6.99
CA ASP B 243 47.33 -31.01 -6.30
C ASP B 243 48.33 -31.98 -6.90
N LYS B 244 47.90 -32.78 -7.88
CA LYS B 244 48.81 -33.65 -8.61
C LYS B 244 49.53 -32.90 -9.73
N THR B 245 48.81 -32.03 -10.43
CA THR B 245 49.39 -31.17 -11.46
C THR B 245 48.29 -30.38 -12.17
N SER C 22 21.53 9.95 11.05
CA SER C 22 20.30 9.49 10.35
C SER C 22 19.26 9.01 11.36
N TYR C 23 18.00 9.26 11.05
CA TYR C 23 16.88 8.86 11.90
C TYR C 23 16.15 7.69 11.26
N VAL C 24 15.94 6.63 12.03
CA VAL C 24 15.32 5.41 11.51
C VAL C 24 14.30 4.91 12.52
N LEU C 25 13.15 4.50 12.02
CA LEU C 25 12.08 3.93 12.83
C LEU C 25 11.95 2.45 12.54
N THR C 26 11.62 1.68 13.58
CA THR C 26 11.52 0.23 13.47
C THR C 26 10.20 -0.25 14.04
N GLN C 27 9.60 -1.23 13.38
CA GLN C 27 8.41 -1.90 13.86
C GLN C 27 8.56 -3.39 13.62
N PRO C 28 7.84 -4.23 14.37
CA PRO C 28 7.95 -5.67 14.17
C PRO C 28 7.58 -6.04 12.74
N PRO C 29 8.29 -7.00 12.14
CA PRO C 29 8.02 -7.31 10.73
C PRO C 29 6.59 -7.75 10.46
N SER C 30 6.00 -8.54 11.35
CA SER C 30 4.65 -9.02 11.13
C SER C 30 4.00 -9.39 12.46
N VAL C 31 2.68 -9.31 12.50
CA VAL C 31 1.90 -9.65 13.69
C VAL C 31 0.68 -10.43 13.23
N SER C 32 0.39 -11.54 13.94
CA SER C 32 -0.76 -12.38 13.66
C SER C 32 -1.68 -12.39 14.87
N VAL C 33 -2.98 -12.24 14.63
CA VAL C 33 -3.97 -12.19 15.69
C VAL C 33 -5.21 -12.97 15.25
N ALA C 34 -5.94 -13.49 16.25
CA ALA C 34 -7.16 -14.23 15.97
C ALA C 34 -8.37 -13.28 15.98
N PRO C 35 -9.41 -13.60 15.22
CA PRO C 35 -10.58 -12.72 15.19
C PRO C 35 -11.16 -12.53 16.59
N GLY C 36 -11.59 -11.29 16.87
CA GLY C 36 -12.15 -10.96 18.15
C GLY C 36 -11.14 -10.60 19.22
N GLN C 37 -9.85 -10.73 18.94
CA GLN C 37 -8.80 -10.44 19.90
C GLN C 37 -8.20 -9.06 19.62
N THR C 38 -7.15 -8.72 20.36
CA THR C 38 -6.49 -7.42 20.27
C THR C 38 -5.07 -7.60 19.79
N ALA C 39 -4.67 -6.79 18.81
CA ALA C 39 -3.32 -6.83 18.26
C ALA C 39 -2.62 -5.50 18.54
N SER C 40 -1.34 -5.57 18.88
CA SER C 40 -0.54 -4.40 19.21
C SER C 40 0.58 -4.24 18.18
N ILE C 41 0.66 -3.04 17.60
CA ILE C 41 1.71 -2.68 16.65
C ILE C 41 2.46 -1.50 17.23
N THR C 42 3.79 -1.62 17.33
CA THR C 42 4.62 -0.64 18.01
C THR C 42 5.57 0.03 17.02
N CYS C 43 5.67 1.35 17.10
CA CYS C 43 6.65 2.12 16.35
C CYS C 43 7.67 2.67 17.35
N SER C 44 8.94 2.32 17.16
CA SER C 44 9.98 2.61 18.14
C SER C 44 11.09 3.44 17.51
N GLY C 45 11.63 4.38 18.29
CA GLY C 45 12.69 5.24 17.83
C GLY C 45 13.48 5.79 18.99
N ASP C 46 14.02 6.99 18.82
CA ASP C 46 14.80 7.66 19.86
C ASP C 46 14.01 8.85 20.36
N LYS C 47 13.67 8.82 21.66
CA LYS C 47 12.89 9.91 22.28
C LYS C 47 11.67 10.23 21.43
N LEU C 48 11.00 9.19 20.93
CA LEU C 48 9.87 9.39 20.04
C LEU C 48 8.68 10.03 20.75
N GLY C 49 8.69 10.09 22.08
CA GLY C 49 7.55 10.64 22.78
C GLY C 49 7.26 12.10 22.49
N ASP C 50 8.23 12.82 21.94
CA ASP C 50 8.07 14.24 21.66
C ASP C 50 7.68 14.54 20.22
N LYS C 51 7.45 13.51 19.40
CA LYS C 51 7.05 13.69 18.02
C LYS C 51 5.55 13.51 17.85
N TYR C 52 5.05 13.94 16.71
CA TYR C 52 3.65 13.81 16.34
C TYR C 52 3.57 12.74 15.24
N VAL C 53 3.23 11.52 15.63
CA VAL C 53 3.19 10.41 14.70
C VAL C 53 1.85 10.36 13.99
N SER C 54 1.79 9.61 12.91
CA SER C 54 0.56 9.40 12.16
C SER C 54 0.64 8.05 11.47
N TRP C 55 -0.45 7.30 11.53
CA TRP C 55 -0.47 5.91 11.08
C TRP C 55 -1.20 5.81 9.76
N TYR C 56 -0.65 5.01 8.85
CA TYR C 56 -1.21 4.81 7.52
C TYR C 56 -1.49 3.33 7.30
N GLN C 57 -2.67 3.03 6.76
CA GLN C 57 -3.07 1.68 6.42
C GLN C 57 -3.09 1.54 4.91
N GLN C 58 -2.29 0.62 4.38
CA GLN C 58 -2.21 0.39 2.94
C GLN C 58 -2.64 -1.04 2.65
N ARG C 59 -3.76 -1.19 1.95
CA ARG C 59 -4.17 -2.49 1.47
C ARG C 59 -3.44 -2.84 0.18
N PRO C 60 -3.38 -4.11 -0.19
CA PRO C 60 -2.66 -4.50 -1.40
C PRO C 60 -3.22 -3.80 -2.63
N GLY C 61 -2.33 -3.09 -3.34
CA GLY C 61 -2.72 -2.47 -4.60
C GLY C 61 -3.57 -1.22 -4.45
N GLN C 62 -3.59 -0.59 -3.28
CA GLN C 62 -4.40 0.59 -3.06
C GLN C 62 -3.54 1.70 -2.46
N SER C 63 -3.97 2.93 -2.66
CA SER C 63 -3.28 4.06 -2.07
C SER C 63 -3.46 4.04 -0.55
N PRO C 64 -2.42 4.34 0.22
CA PRO C 64 -2.58 4.39 1.68
C PRO C 64 -3.59 5.45 2.08
N VAL C 65 -4.24 5.21 3.21
CA VAL C 65 -5.21 6.15 3.76
C VAL C 65 -4.83 6.44 5.21
N LEU C 66 -5.29 7.59 5.70
CA LEU C 66 -4.99 8.00 7.06
C LEU C 66 -5.88 7.26 8.05
N VAL C 67 -5.27 6.72 9.10
CA VAL C 67 -6.01 6.05 10.15
C VAL C 67 -5.80 6.69 11.52
N LEU C 68 -4.72 7.43 11.73
CA LEU C 68 -4.52 8.17 12.96
C LEU C 68 -3.52 9.28 12.69
N TYR C 69 -3.80 10.47 13.22
CA TYR C 69 -2.88 11.59 13.14
C TYR C 69 -2.80 12.26 14.51
N GLN C 70 -1.59 12.64 14.89
CA GLN C 70 -1.34 13.27 16.19
C GLN C 70 -1.68 12.30 17.33
N ASP C 71 -1.03 11.15 17.30
CA ASP C 71 -1.11 10.15 18.36
C ASP C 71 -2.49 9.48 18.42
N SER C 72 -3.48 10.17 18.98
CA SER C 72 -4.76 9.55 19.28
C SER C 72 -5.93 10.10 18.49
N LYS C 73 -5.83 11.32 17.96
CA LYS C 73 -6.95 11.89 17.20
C LYS C 73 -7.23 11.04 15.98
N ARG C 74 -8.50 10.72 15.76
CA ARG C 74 -8.91 9.85 14.68
C ARG C 74 -9.80 10.60 13.68
N PRO C 75 -9.58 10.45 12.38
CA PRO C 75 -10.39 11.20 11.42
C PRO C 75 -11.81 10.67 11.32
N SER C 76 -12.62 11.28 10.46
CA SER C 76 -13.99 10.84 10.26
C SER C 76 -14.03 9.68 9.27
N GLY C 77 -14.86 8.69 9.56
CA GLY C 77 -15.04 7.53 8.71
C GLY C 77 -14.32 6.29 9.21
N ILE C 78 -13.46 6.40 10.21
CA ILE C 78 -12.73 5.25 10.73
C ILE C 78 -13.50 4.71 11.93
N PRO C 79 -13.68 3.39 12.05
CA PRO C 79 -14.44 2.85 13.18
C PRO C 79 -13.72 3.09 14.51
N GLU C 80 -14.50 3.03 15.58
CA GLU C 80 -13.96 3.26 16.92
C GLU C 80 -13.00 2.18 17.37
N ARG C 81 -12.92 1.06 16.63
CA ARG C 81 -12.02 -0.01 17.04
C ARG C 81 -10.57 0.46 17.08
N PHE C 82 -10.15 1.22 16.07
CA PHE C 82 -8.77 1.70 16.02
C PHE C 82 -8.50 2.66 17.17
N SER C 83 -7.32 2.53 17.76
CA SER C 83 -6.92 3.41 18.85
C SER C 83 -5.40 3.47 18.87
N GLY C 84 -4.87 4.46 19.58
CA GLY C 84 -3.44 4.65 19.63
C GLY C 84 -2.98 5.27 20.93
N SER C 85 -1.67 5.24 21.13
CA SER C 85 -1.04 5.86 22.28
C SER C 85 0.42 6.10 21.96
N ASN C 86 1.02 7.04 22.69
CA ASN C 86 2.41 7.39 22.49
C ASN C 86 3.02 7.84 23.80
N SER C 87 4.17 7.28 24.14
CA SER C 87 4.86 7.62 25.38
C SER C 87 6.23 6.97 25.38
N GLY C 88 7.16 7.56 26.12
CA GLY C 88 8.49 7.02 26.23
C GLY C 88 9.21 6.94 24.89
N ASN C 89 9.44 5.70 24.42
CA ASN C 89 10.14 5.48 23.17
C ASN C 89 9.35 4.54 22.26
N THR C 90 8.02 4.55 22.37
CA THR C 90 7.19 3.63 21.61
C THR C 90 5.83 4.25 21.37
N ALA C 91 5.31 4.05 20.16
CA ALA C 91 3.96 4.48 19.81
C ALA C 91 3.16 3.23 19.42
N THR C 92 1.97 3.10 19.98
CA THR C 92 1.17 1.89 19.86
C THR C 92 -0.07 2.17 19.02
N LEU C 93 -0.41 1.22 18.15
CA LEU C 93 -1.66 1.21 17.40
C LEU C 93 -2.41 -0.04 17.79
N THR C 94 -3.40 0.10 18.68
CA THR C 94 -4.14 -1.03 19.23
C THR C 94 -5.44 -1.21 18.46
N ILE C 95 -5.70 -2.44 18.02
CA ILE C 95 -6.93 -2.80 17.32
C ILE C 95 -7.66 -3.85 18.13
N SER C 96 -8.92 -3.60 18.44
CA SER C 96 -9.75 -4.51 19.22
C SER C 96 -10.89 -5.03 18.36
N GLY C 97 -11.24 -6.29 18.55
CA GLY C 97 -12.28 -6.91 17.75
C GLY C 97 -11.87 -7.04 16.29
N THR C 98 -10.66 -7.49 16.06
CA THR C 98 -10.15 -7.61 14.70
C THR C 98 -11.01 -8.58 13.89
N GLN C 99 -11.16 -8.27 12.60
CA GLN C 99 -11.88 -9.13 11.67
C GLN C 99 -11.09 -9.24 10.39
N ALA C 100 -11.64 -9.97 9.42
CA ALA C 100 -10.92 -10.22 8.17
C ALA C 100 -10.69 -8.94 7.36
N MET C 101 -11.45 -7.89 7.63
CA MET C 101 -11.32 -6.66 6.86
C MET C 101 -10.10 -5.83 7.26
N ASP C 102 -9.50 -6.12 8.41
CA ASP C 102 -8.39 -5.33 8.95
C ASP C 102 -7.04 -5.97 8.68
N GLU C 103 -6.88 -6.61 7.53
CA GLU C 103 -5.60 -7.19 7.13
C GLU C 103 -4.98 -6.27 6.07
N ALA C 104 -3.83 -5.68 6.41
CA ALA C 104 -3.15 -4.77 5.50
C ALA C 104 -1.84 -4.32 6.14
N ASP C 105 -1.02 -3.65 5.34
CA ASP C 105 0.23 -3.09 5.85
C ASP C 105 -0.06 -1.82 6.64
N TYR C 106 0.71 -1.61 7.71
CA TYR C 106 0.57 -0.45 8.56
C TYR C 106 1.92 0.25 8.70
N TYR C 107 1.92 1.56 8.48
CA TYR C 107 3.15 2.35 8.50
C TYR C 107 3.07 3.43 9.58
N CYS C 108 4.23 3.76 10.14
CA CYS C 108 4.37 4.78 11.16
C CYS C 108 5.14 5.96 10.60
N GLN C 109 4.77 7.17 11.01
CA GLN C 109 5.37 8.38 10.47
C GLN C 109 5.85 9.28 11.60
N ALA C 110 6.83 10.13 11.28
CA ALA C 110 7.30 11.15 12.19
C ALA C 110 8.13 12.16 11.41
N TRP C 111 8.32 13.32 12.00
CA TRP C 111 9.15 14.37 11.43
C TRP C 111 10.37 14.59 12.31
N ASP C 112 11.52 14.83 11.68
CA ASP C 112 12.74 15.10 12.42
C ASP C 112 13.76 15.74 11.50
N SER C 113 14.45 16.76 12.03
CA SER C 113 15.54 17.41 11.32
C SER C 113 15.11 17.87 9.94
N SER C 114 13.89 18.40 9.84
CA SER C 114 13.37 18.91 8.58
C SER C 114 13.42 17.84 7.48
N ALA C 115 13.08 16.61 7.86
CA ALA C 115 13.04 15.51 6.90
C ALA C 115 12.01 14.49 7.36
N LEU C 116 11.37 13.84 6.39
CA LEU C 116 10.32 12.88 6.66
C LEU C 116 10.90 11.49 6.81
N VAL C 117 10.36 10.74 7.77
CA VAL C 117 10.79 9.37 8.02
C VAL C 117 9.56 8.47 8.04
N PHE C 118 9.60 7.39 7.28
CA PHE C 118 8.54 6.39 7.24
C PHE C 118 9.05 5.08 7.81
N GLY C 119 8.35 4.57 8.82
CA GLY C 119 8.79 3.34 9.46
C GLY C 119 8.60 2.14 8.56
N GLY C 120 9.35 1.08 8.88
CA GLY C 120 9.23 -0.18 8.16
C GLY C 120 7.83 -0.74 8.23
N GLY C 121 7.31 -1.18 7.08
CA GLY C 121 5.94 -1.65 7.05
C GLY C 121 5.74 -2.87 7.93
N THR C 122 4.62 -2.89 8.63
CA THR C 122 4.19 -4.03 9.44
C THR C 122 2.99 -4.67 8.76
N LYS C 123 3.03 -5.98 8.61
CA LYS C 123 1.96 -6.74 7.96
C LYS C 123 1.10 -7.39 9.04
N LEU C 124 -0.20 -7.11 9.02
CA LEU C 124 -1.15 -7.69 9.96
C LEU C 124 -2.02 -8.68 9.22
N THR C 125 -1.97 -9.94 9.64
CA THR C 125 -2.75 -11.01 9.02
C THR C 125 -3.60 -11.68 10.09
N VAL C 126 -4.89 -11.82 9.80
CA VAL C 126 -5.85 -12.43 10.71
C VAL C 126 -6.03 -13.87 10.30
N LEU C 127 -5.62 -14.80 11.17
CA LEU C 127 -5.79 -16.22 10.87
C LEU C 127 -7.28 -16.55 10.83
N ARG C 128 -7.62 -17.51 9.96
CA ARG C 128 -9.00 -17.91 9.75
C ARG C 128 -9.26 -19.26 10.42
N THR C 129 -10.51 -19.46 10.83
CA THR C 129 -10.93 -20.70 11.49
C THR C 129 -11.51 -21.67 10.46
N VAL C 130 -11.44 -22.95 10.77
CA VAL C 130 -11.91 -24.01 9.89
C VAL C 130 -13.38 -24.29 10.21
N ALA C 131 -14.17 -24.46 9.16
CA ALA C 131 -15.60 -24.73 9.29
C ALA C 131 -15.92 -26.03 8.56
N ALA C 132 -16.58 -26.95 9.25
CA ALA C 132 -16.96 -28.21 8.63
C ALA C 132 -18.01 -27.97 7.55
N PRO C 133 -17.88 -28.56 6.37
CA PRO C 133 -18.89 -28.36 5.33
C PRO C 133 -20.20 -29.05 5.68
N SER C 134 -21.28 -28.52 5.12
CA SER C 134 -22.59 -29.16 5.17
C SER C 134 -22.91 -29.66 3.77
N VAL C 135 -23.25 -30.95 3.66
CA VAL C 135 -23.38 -31.61 2.37
C VAL C 135 -24.83 -32.05 2.19
N PHE C 136 -25.44 -31.62 1.08
CA PHE C 136 -26.79 -32.02 0.72
C PHE C 136 -26.76 -32.60 -0.69
N ILE C 137 -27.70 -33.51 -0.95
CA ILE C 137 -27.85 -34.13 -2.27
C ILE C 137 -29.32 -34.07 -2.66
N PHE C 138 -29.58 -33.61 -3.88
CA PHE C 138 -30.95 -33.49 -4.40
C PHE C 138 -31.14 -34.48 -5.54
N PRO C 139 -32.06 -35.43 -5.45
CA PRO C 139 -32.25 -36.38 -6.55
C PRO C 139 -32.80 -35.69 -7.79
N PRO C 140 -32.79 -36.37 -8.92
CA PRO C 140 -33.29 -35.74 -10.15
C PRO C 140 -34.79 -35.48 -10.09
N SER C 141 -35.20 -34.40 -10.75
CA SER C 141 -36.60 -34.00 -10.74
C SER C 141 -37.40 -34.88 -11.70
N ASP C 142 -38.68 -35.07 -11.36
CA ASP C 142 -39.55 -35.85 -12.22
C ASP C 142 -39.74 -35.19 -13.58
N GLU C 143 -39.92 -33.87 -13.59
CA GLU C 143 -40.13 -33.18 -14.86
C GLU C 143 -38.93 -33.35 -15.78
N GLN C 144 -37.73 -33.14 -15.26
CA GLN C 144 -36.53 -33.29 -16.08
C GLN C 144 -36.39 -34.72 -16.58
N LEU C 145 -36.68 -35.69 -15.71
CA LEU C 145 -36.57 -37.09 -16.11
C LEU C 145 -37.43 -37.37 -17.33
N LYS C 146 -38.58 -36.72 -17.44
CA LYS C 146 -39.43 -36.92 -18.61
C LYS C 146 -38.77 -36.43 -19.89
N SER C 147 -37.80 -35.52 -19.78
CA SER C 147 -37.14 -34.94 -20.95
C SER C 147 -35.97 -35.78 -21.46
N GLY C 148 -35.61 -36.85 -20.76
CA GLY C 148 -34.57 -37.75 -21.21
C GLY C 148 -33.23 -37.60 -20.51
N THR C 149 -33.05 -36.54 -19.73
CA THR C 149 -31.79 -36.29 -19.02
C THR C 149 -32.06 -36.15 -17.53
N ALA C 150 -31.27 -36.84 -16.72
CA ALA C 150 -31.42 -36.83 -15.27
C ALA C 150 -30.22 -36.12 -14.66
N SER C 151 -30.48 -35.23 -13.71
CA SER C 151 -29.45 -34.41 -13.08
C SER C 151 -29.41 -34.68 -11.59
N VAL C 152 -28.21 -34.92 -11.05
CA VAL C 152 -27.99 -35.09 -9.63
C VAL C 152 -26.99 -34.03 -9.20
N VAL C 153 -27.33 -33.29 -8.14
CA VAL C 153 -26.54 -32.16 -7.69
C VAL C 153 -26.16 -32.38 -6.23
N CYS C 154 -24.87 -32.22 -5.93
CA CYS C 154 -24.34 -32.29 -4.57
C CYS C 154 -23.85 -30.91 -4.18
N LEU C 155 -24.22 -30.47 -2.99
CA LEU C 155 -23.98 -29.10 -2.55
C LEU C 155 -23.11 -29.07 -1.31
N LEU C 156 -22.11 -28.19 -1.32
CA LEU C 156 -21.31 -27.88 -0.15
C LEU C 156 -21.32 -26.37 0.04
N ASN C 157 -21.71 -25.92 1.23
CA ASN C 157 -21.80 -24.49 1.50
C ASN C 157 -21.25 -24.20 2.89
N ASN C 158 -20.75 -22.98 3.06
CA ASN C 158 -20.25 -22.50 4.35
C ASN C 158 -19.13 -23.42 4.87
N PHE C 159 -18.08 -23.55 4.06
CA PHE C 159 -16.96 -24.41 4.39
C PHE C 159 -15.66 -23.67 4.11
N TYR C 160 -14.61 -24.10 4.83
CA TYR C 160 -13.30 -23.48 4.75
C TYR C 160 -12.29 -24.48 5.28
N PRO C 161 -11.08 -24.57 4.70
CA PRO C 161 -10.50 -23.80 3.58
C PRO C 161 -11.11 -24.13 2.24
N ARG C 162 -10.48 -23.66 1.16
CA ARG C 162 -11.01 -23.83 -0.18
C ARG C 162 -10.81 -25.25 -0.71
N GLU C 163 -9.78 -25.95 -0.25
CA GLU C 163 -9.41 -27.24 -0.81
C GLU C 163 -10.37 -28.31 -0.28
N ALA C 164 -11.38 -28.64 -1.08
CA ALA C 164 -12.32 -29.71 -0.76
C ALA C 164 -12.53 -30.56 -2.00
N LYS C 165 -12.69 -31.86 -1.81
CA LYS C 165 -12.81 -32.81 -2.91
C LYS C 165 -14.12 -33.56 -2.79
N VAL C 166 -14.86 -33.63 -3.91
CA VAL C 166 -16.14 -34.30 -3.98
C VAL C 166 -15.99 -35.54 -4.86
N GLN C 167 -16.52 -36.66 -4.39
CA GLN C 167 -16.40 -37.93 -5.11
C GLN C 167 -17.78 -38.52 -5.32
N TRP C 168 -18.04 -38.98 -6.55
CA TRP C 168 -19.32 -39.54 -6.92
C TRP C 168 -19.24 -41.07 -6.98
N LYS C 169 -20.29 -41.73 -6.48
CA LYS C 169 -20.39 -43.18 -6.50
C LYS C 169 -21.75 -43.58 -7.03
N VAL C 170 -21.78 -44.49 -8.00
CA VAL C 170 -23.02 -45.00 -8.57
C VAL C 170 -23.00 -46.51 -8.38
N ASP C 171 -23.61 -46.98 -7.29
CA ASP C 171 -23.59 -48.40 -6.95
C ASP C 171 -22.14 -48.90 -6.85
N ASN C 172 -21.39 -48.27 -5.95
CA ASN C 172 -20.01 -48.65 -5.67
C ASN C 172 -19.11 -48.54 -6.90
N ALA C 173 -19.47 -47.66 -7.82
CA ALA C 173 -18.69 -47.41 -9.02
C ALA C 173 -18.28 -45.94 -9.07
N LEU C 174 -17.00 -45.68 -9.23
CA LEU C 174 -16.50 -44.31 -9.31
C LEU C 174 -16.93 -43.69 -10.63
N GLN C 175 -17.12 -42.37 -10.61
CA GLN C 175 -17.49 -41.60 -11.79
C GLN C 175 -16.38 -40.61 -12.11
N SER C 176 -15.88 -40.67 -13.35
CA SER C 176 -14.88 -39.74 -13.84
C SER C 176 -15.45 -38.98 -15.03
N GLY C 177 -15.21 -37.68 -15.06
CA GLY C 177 -15.84 -36.87 -16.08
C GLY C 177 -17.33 -36.74 -15.81
N ASN C 178 -18.05 -36.28 -16.83
CA ASN C 178 -19.49 -36.08 -16.76
C ASN C 178 -19.89 -35.46 -15.43
N SER C 179 -19.11 -34.47 -14.98
CA SER C 179 -19.40 -33.76 -13.74
C SER C 179 -18.82 -32.36 -13.83
N GLN C 180 -19.60 -31.37 -13.43
CA GLN C 180 -19.17 -29.98 -13.43
C GLN C 180 -19.04 -29.48 -12.00
N GLU C 181 -18.06 -28.61 -11.78
CA GLU C 181 -17.76 -28.07 -10.46
C GLU C 181 -17.84 -26.54 -10.53
N SER C 182 -18.69 -25.95 -9.70
CA SER C 182 -18.87 -24.51 -9.65
C SER C 182 -18.67 -24.02 -8.23
N VAL C 183 -17.95 -22.91 -8.08
CA VAL C 183 -17.62 -22.35 -6.78
C VAL C 183 -17.92 -20.86 -6.80
N THR C 184 -18.48 -20.35 -5.71
CA THR C 184 -18.80 -18.94 -5.59
C THR C 184 -17.57 -18.19 -5.06
N GLU C 185 -17.77 -16.94 -4.65
CA GLU C 185 -16.68 -16.13 -4.15
C GLU C 185 -16.70 -16.09 -2.63
N GLN C 186 -15.53 -15.88 -2.04
CA GLN C 186 -15.41 -15.90 -0.59
C GLN C 186 -16.26 -14.81 0.04
N ASP C 187 -16.82 -15.11 1.21
CA ASP C 187 -17.64 -14.16 1.94
C ASP C 187 -16.76 -13.38 2.91
N SER C 188 -16.80 -12.05 2.81
CA SER C 188 -15.93 -11.22 3.64
C SER C 188 -16.28 -11.38 5.12
N LYS C 189 -17.57 -11.42 5.44
CA LYS C 189 -17.97 -11.47 6.85
C LYS C 189 -17.51 -12.76 7.52
N ASP C 190 -17.72 -13.90 6.85
CA ASP C 190 -17.44 -15.19 7.44
C ASP C 190 -16.24 -15.91 6.85
N SER C 191 -15.78 -15.52 5.67
CA SER C 191 -14.65 -16.17 5.02
C SER C 191 -14.96 -17.64 4.73
N THR C 192 -16.00 -17.86 3.95
CA THR C 192 -16.45 -19.19 3.60
C THR C 192 -16.82 -19.24 2.12
N TYR C 193 -16.76 -20.44 1.56
CA TYR C 193 -17.04 -20.68 0.15
C TYR C 193 -18.28 -21.55 0.01
N SER C 194 -18.61 -21.86 -1.24
CA SER C 194 -19.68 -22.79 -1.56
C SER C 194 -19.30 -23.56 -2.82
N LEU C 195 -19.78 -24.80 -2.91
CA LEU C 195 -19.42 -25.66 -4.02
C LEU C 195 -20.62 -26.48 -4.44
N SER C 196 -20.88 -26.54 -5.74
CA SER C 196 -21.97 -27.32 -6.31
C SER C 196 -21.42 -28.24 -7.39
N SER C 197 -21.71 -29.53 -7.27
CA SER C 197 -21.26 -30.52 -8.24
C SER C 197 -22.48 -31.20 -8.83
N THR C 198 -22.63 -31.11 -10.15
CA THR C 198 -23.78 -31.66 -10.86
C THR C 198 -23.33 -32.82 -11.74
N LEU C 199 -24.03 -33.94 -11.63
CA LEU C 199 -23.77 -35.13 -12.41
C LEU C 199 -24.93 -35.35 -13.36
N THR C 200 -24.64 -35.43 -14.66
CA THR C 200 -25.66 -35.61 -15.67
C THR C 200 -25.59 -37.03 -16.24
N LEU C 201 -26.74 -37.53 -16.66
CA LEU C 201 -26.83 -38.88 -17.18
C LEU C 201 -27.97 -38.94 -18.18
N SER C 202 -27.92 -39.97 -19.03
CA SER C 202 -29.01 -40.25 -19.95
C SER C 202 -30.12 -41.02 -19.24
N LYS C 203 -31.33 -40.92 -19.79
CA LYS C 203 -32.48 -41.52 -19.13
C LYS C 203 -32.28 -43.02 -18.91
N ALA C 204 -31.85 -43.74 -19.94
CA ALA C 204 -31.65 -45.18 -19.79
C ALA C 204 -30.57 -45.47 -18.77
N ASP C 205 -29.47 -44.73 -18.80
CA ASP C 205 -28.35 -45.01 -17.92
C ASP C 205 -28.75 -44.84 -16.46
N TYR C 206 -29.41 -43.71 -16.13
CA TYR C 206 -29.77 -43.46 -14.75
C TYR C 206 -30.68 -44.53 -14.20
N GLU C 207 -31.67 -44.95 -14.99
CA GLU C 207 -32.65 -45.91 -14.49
C GLU C 207 -32.03 -47.25 -14.16
N LYS C 208 -30.81 -47.52 -14.63
CA LYS C 208 -30.18 -48.83 -14.49
C LYS C 208 -29.22 -48.89 -13.31
N HIS C 209 -29.51 -48.17 -12.23
CA HIS C 209 -28.70 -48.20 -11.03
C HIS C 209 -29.61 -48.00 -9.82
N LYS C 210 -29.12 -48.39 -8.65
CA LYS C 210 -29.96 -48.46 -7.46
C LYS C 210 -29.61 -47.42 -6.41
N VAL C 211 -28.37 -47.38 -5.94
CA VAL C 211 -27.97 -46.53 -4.82
C VAL C 211 -26.98 -45.48 -5.34
N TYR C 212 -27.26 -44.23 -5.05
CA TYR C 212 -26.37 -43.12 -5.39
C TYR C 212 -25.84 -42.50 -4.12
N ALA C 213 -24.60 -42.02 -4.17
CA ALA C 213 -23.97 -41.47 -2.98
C ALA C 213 -22.99 -40.37 -3.36
N CYS C 214 -22.90 -39.36 -2.50
CA CYS C 214 -21.96 -38.26 -2.64
C CYS C 214 -20.97 -38.35 -1.49
N GLU C 215 -19.68 -38.38 -1.80
CA GLU C 215 -18.63 -38.51 -0.80
C GLU C 215 -17.80 -37.23 -0.78
N VAL C 216 -17.63 -36.66 0.42
CA VAL C 216 -16.90 -35.43 0.61
C VAL C 216 -15.72 -35.72 1.53
N THR C 217 -14.54 -35.27 1.12
CA THR C 217 -13.33 -35.35 1.94
C THR C 217 -12.76 -33.95 2.06
N HIS C 218 -12.64 -33.46 3.29
CA HIS C 218 -12.21 -32.09 3.51
C HIS C 218 -11.72 -31.94 4.94
N GLN C 219 -10.81 -30.99 5.14
CA GLN C 219 -10.34 -30.68 6.48
C GLN C 219 -11.53 -30.38 7.39
N GLY C 220 -11.34 -30.61 8.69
CA GLY C 220 -12.40 -30.42 9.65
C GLY C 220 -13.33 -31.60 9.82
N LEU C 221 -13.14 -32.67 9.06
CA LEU C 221 -13.95 -33.87 9.16
C LEU C 221 -13.05 -35.03 9.55
N SER C 222 -13.44 -35.74 10.62
CA SER C 222 -12.63 -36.86 11.08
C SER C 222 -12.53 -37.94 10.01
N SER C 223 -13.64 -38.26 9.36
CA SER C 223 -13.68 -39.24 8.29
C SER C 223 -14.59 -38.71 7.19
N PRO C 224 -14.39 -39.13 5.94
CA PRO C 224 -15.25 -38.65 4.86
C PRO C 224 -16.71 -38.92 5.17
N VAL C 225 -17.57 -37.97 4.80
CA VAL C 225 -19.00 -38.06 5.05
C VAL C 225 -19.68 -38.46 3.75
N THR C 226 -20.65 -39.37 3.86
CA THR C 226 -21.38 -39.88 2.70
C THR C 226 -22.85 -39.51 2.86
N LYS C 227 -23.40 -38.85 1.84
CA LYS C 227 -24.82 -38.56 1.75
C LYS C 227 -25.36 -39.28 0.53
N SER C 228 -26.34 -40.16 0.74
CA SER C 228 -26.74 -41.12 -0.28
C SER C 228 -28.25 -41.29 -0.29
N PHE C 229 -28.74 -41.92 -1.35
CA PHE C 229 -30.15 -42.20 -1.50
C PHE C 229 -30.31 -43.31 -2.53
N ASN C 230 -31.49 -43.96 -2.50
CA ASN C 230 -31.85 -44.96 -3.48
C ASN C 230 -33.04 -44.46 -4.28
N ARG C 231 -33.07 -44.78 -5.57
CA ARG C 231 -34.07 -44.25 -6.48
C ARG C 231 -35.28 -45.17 -6.55
N GLY C 232 -36.44 -44.55 -6.72
CA GLY C 232 -37.70 -45.26 -6.74
C GLY C 232 -38.34 -45.47 -5.38
N GLU C 233 -37.64 -45.10 -4.31
CA GLU C 233 -38.18 -45.32 -2.97
C GLU C 233 -39.38 -44.40 -2.72
N CYS C 234 -39.24 -43.12 -3.03
CA CYS C 234 -40.31 -42.16 -2.83
C CYS C 234 -39.94 -40.79 -3.37
N THR D 129 10.02 -47.47 -24.57
CA THR D 129 11.46 -47.07 -24.68
C THR D 129 11.80 -46.04 -23.62
N VAL D 130 12.02 -46.50 -22.39
CA VAL D 130 12.36 -45.65 -21.26
C VAL D 130 13.87 -45.67 -21.07
N ALA D 131 14.48 -44.49 -21.01
CA ALA D 131 15.91 -44.34 -20.86
C ALA D 131 16.20 -43.61 -19.55
N ALA D 132 17.13 -44.16 -18.76
CA ALA D 132 17.49 -43.55 -17.50
C ALA D 132 18.34 -42.30 -17.73
N PRO D 133 18.38 -41.39 -16.76
CA PRO D 133 19.16 -40.17 -16.92
C PRO D 133 20.59 -40.31 -16.44
N SER D 134 21.48 -39.57 -17.10
CA SER D 134 22.87 -39.45 -16.68
C SER D 134 23.02 -38.13 -15.95
N VAL D 135 23.46 -38.20 -14.70
CA VAL D 135 23.53 -37.04 -13.80
C VAL D 135 24.98 -36.63 -13.65
N PHE D 136 25.24 -35.32 -13.77
CA PHE D 136 26.57 -34.76 -13.57
C PHE D 136 26.46 -33.54 -12.69
N ILE D 137 27.55 -33.25 -11.97
CA ILE D 137 27.64 -32.06 -11.13
C ILE D 137 28.99 -31.40 -11.35
N PHE D 138 28.99 -30.09 -11.55
CA PHE D 138 30.21 -29.33 -11.77
C PHE D 138 30.46 -28.40 -10.59
N PRO D 139 31.56 -28.53 -9.87
CA PRO D 139 31.83 -27.58 -8.77
C PRO D 139 31.97 -26.17 -9.29
N PRO D 140 32.10 -25.19 -8.41
CA PRO D 140 32.24 -23.80 -8.87
C PRO D 140 33.63 -23.53 -9.41
N SER D 141 33.74 -22.44 -10.15
CA SER D 141 34.99 -22.08 -10.80
C SER D 141 35.96 -21.45 -9.81
N ASP D 142 37.25 -21.58 -10.11
CA ASP D 142 38.29 -20.93 -9.33
C ASP D 142 38.27 -19.42 -9.49
N GLU D 143 37.56 -18.90 -10.50
CA GLU D 143 37.51 -17.47 -10.77
C GLU D 143 36.29 -16.80 -10.18
N GLN D 144 35.16 -17.51 -10.09
CA GLN D 144 33.97 -16.92 -9.50
C GLN D 144 34.17 -16.60 -8.03
N LEU D 145 34.94 -17.42 -7.33
CA LEU D 145 35.21 -17.16 -5.92
C LEU D 145 35.81 -15.77 -5.73
N LYS D 146 36.54 -15.27 -6.73
CA LYS D 146 37.12 -13.93 -6.65
C LYS D 146 36.09 -12.84 -6.84
N SER D 147 34.90 -13.17 -7.35
CA SER D 147 33.83 -12.21 -7.57
C SER D 147 32.78 -12.24 -6.46
N GLY D 148 33.05 -12.93 -5.36
CA GLY D 148 32.11 -12.98 -4.26
C GLY D 148 30.79 -13.62 -4.63
N THR D 149 30.83 -14.75 -5.31
CA THR D 149 29.61 -15.49 -5.66
C THR D 149 29.99 -16.93 -5.93
N ALA D 150 29.07 -17.83 -5.61
CA ALA D 150 29.23 -19.24 -5.91
C ALA D 150 28.01 -19.74 -6.67
N SER D 151 28.22 -20.69 -7.57
CA SER D 151 27.15 -21.21 -8.41
C SER D 151 27.46 -22.66 -8.74
N VAL D 152 26.70 -23.58 -8.16
CA VAL D 152 26.84 -25.00 -8.44
C VAL D 152 25.74 -25.41 -9.41
N VAL D 153 26.10 -26.21 -10.40
CA VAL D 153 25.19 -26.61 -11.47
C VAL D 153 25.08 -28.12 -11.48
N CYS D 154 23.85 -28.62 -11.51
CA CYS D 154 23.57 -30.05 -11.65
C CYS D 154 22.86 -30.25 -12.99
N LEU D 155 23.41 -31.13 -13.82
CA LEU D 155 22.92 -31.35 -15.17
C LEU D 155 22.33 -32.75 -15.30
N LEU D 156 21.24 -32.85 -16.06
CA LEU D 156 20.63 -34.14 -16.40
C LEU D 156 20.69 -34.30 -17.91
N ASN D 157 21.37 -35.35 -18.37
CA ASN D 157 21.53 -35.59 -19.79
C ASN D 157 20.26 -36.22 -20.35
N ASN D 158 20.35 -36.76 -21.56
CA ASN D 158 19.19 -37.31 -22.24
C ASN D 158 18.45 -38.32 -21.36
N PHE D 159 17.15 -38.12 -21.21
CA PHE D 159 16.27 -39.08 -20.58
C PHE D 159 14.88 -38.91 -21.16
N TYR D 160 14.20 -40.04 -21.42
CA TYR D 160 12.97 -40.00 -22.21
C TYR D 160 11.81 -39.39 -21.43
N PRO D 161 11.35 -39.97 -20.33
CA PRO D 161 10.14 -39.45 -19.67
C PRO D 161 10.39 -38.06 -19.11
N ARG D 162 9.44 -37.16 -19.35
CA ARG D 162 9.63 -35.77 -18.98
C ARG D 162 9.75 -35.60 -17.47
N GLU D 163 8.91 -36.28 -16.71
CA GLU D 163 8.84 -36.04 -15.28
C GLU D 163 10.17 -36.33 -14.61
N ALA D 164 10.62 -35.38 -13.79
CA ALA D 164 11.87 -35.52 -13.04
C ALA D 164 11.86 -34.51 -11.91
N LYS D 165 12.76 -34.71 -10.94
CA LYS D 165 12.83 -33.83 -9.79
C LYS D 165 14.22 -33.91 -9.17
N VAL D 166 14.84 -32.76 -8.96
CA VAL D 166 16.16 -32.67 -8.35
C VAL D 166 16.02 -32.00 -6.99
N GLN D 167 16.83 -32.46 -6.04
CA GLN D 167 16.84 -31.93 -4.69
C GLN D 167 18.25 -31.55 -4.31
N TRP D 168 18.44 -30.32 -3.85
CA TRP D 168 19.76 -29.82 -3.45
C TRP D 168 19.94 -30.03 -1.96
N LYS D 169 20.81 -30.96 -1.59
CA LYS D 169 21.14 -31.22 -0.19
C LYS D 169 22.61 -30.89 0.02
N VAL D 170 22.89 -30.08 1.04
CA VAL D 170 24.26 -29.77 1.44
C VAL D 170 24.38 -30.10 2.91
N ASP D 171 25.38 -30.91 3.26
CA ASP D 171 25.56 -31.40 4.61
C ASP D 171 24.26 -32.10 5.06
N ASN D 172 23.92 -33.15 4.30
CA ASN D 172 22.74 -33.98 4.56
C ASN D 172 21.56 -33.15 5.06
N ALA D 173 21.31 -32.04 4.36
CA ALA D 173 20.22 -31.14 4.70
C ALA D 173 19.70 -30.48 3.44
N LEU D 174 18.40 -30.58 3.20
CA LEU D 174 17.82 -30.14 1.95
C LEU D 174 17.65 -28.62 1.92
N GLN D 175 17.54 -28.08 0.71
CA GLN D 175 17.19 -26.69 0.50
C GLN D 175 16.22 -26.58 -0.67
N SER D 176 15.61 -25.39 -0.77
CA SER D 176 14.68 -25.09 -1.85
C SER D 176 14.44 -23.60 -1.85
N GLY D 177 14.04 -23.07 -3.01
CA GLY D 177 13.73 -21.67 -3.16
C GLY D 177 14.86 -20.80 -3.68
N ASN D 178 16.09 -21.33 -3.76
CA ASN D 178 17.21 -20.61 -4.33
C ASN D 178 17.84 -21.39 -5.48
N SER D 179 17.00 -22.08 -6.26
CA SER D 179 17.47 -22.86 -7.40
C SER D 179 16.54 -22.62 -8.57
N GLN D 180 17.06 -22.83 -9.77
CA GLN D 180 16.30 -22.64 -11.00
C GLN D 180 16.56 -23.82 -11.93
N GLU D 181 15.62 -24.04 -12.83
CA GLU D 181 15.71 -25.13 -13.79
C GLU D 181 15.38 -24.64 -15.19
N SER D 182 16.04 -25.22 -16.19
CA SER D 182 15.75 -24.94 -17.58
C SER D 182 15.74 -26.27 -18.34
N VAL D 183 15.04 -26.28 -19.46
CA VAL D 183 14.86 -27.50 -20.25
C VAL D 183 14.86 -27.18 -21.72
N THR D 184 15.36 -28.11 -22.52
CA THR D 184 15.32 -28.04 -23.96
C THR D 184 14.22 -28.97 -24.48
N GLU D 185 14.15 -29.13 -25.79
CA GLU D 185 13.15 -29.98 -26.44
C GLU D 185 13.86 -31.11 -27.16
N GLN D 186 13.38 -32.33 -26.96
CA GLN D 186 13.86 -33.48 -27.72
C GLN D 186 14.02 -33.11 -29.19
N ASP D 187 15.17 -33.47 -29.76
CA ASP D 187 15.46 -33.14 -31.14
C ASP D 187 14.64 -34.02 -32.08
N SER D 188 14.88 -33.84 -33.38
CA SER D 188 14.10 -34.56 -34.38
C SER D 188 14.29 -36.06 -34.23
N LYS D 189 15.51 -36.55 -34.40
CA LYS D 189 15.78 -37.99 -34.35
C LYS D 189 16.02 -38.46 -32.92
N ASP D 190 15.07 -38.15 -32.03
CA ASP D 190 15.17 -38.57 -30.64
C ASP D 190 13.93 -38.08 -29.91
N SER D 191 13.76 -38.55 -28.67
CA SER D 191 12.62 -38.19 -27.84
C SER D 191 13.03 -38.01 -26.38
N THR D 192 14.27 -37.58 -26.13
CA THR D 192 14.80 -37.43 -24.79
C THR D 192 14.99 -35.97 -24.44
N TYR D 193 14.80 -35.66 -23.16
CA TYR D 193 14.92 -34.31 -22.64
C TYR D 193 16.26 -34.12 -21.94
N SER D 194 16.63 -32.85 -21.77
CA SER D 194 17.83 -32.48 -21.02
C SER D 194 17.49 -31.32 -20.09
N LEU D 195 17.88 -31.44 -18.82
CA LEU D 195 17.52 -30.48 -17.80
C LEU D 195 18.74 -30.13 -16.96
N SER D 196 18.75 -28.91 -16.43
CA SER D 196 19.83 -28.45 -15.56
C SER D 196 19.23 -27.73 -14.36
N SER D 197 19.98 -27.72 -13.26
CA SER D 197 19.53 -27.09 -12.02
C SER D 197 20.71 -26.34 -11.43
N THR D 198 20.68 -25.01 -11.52
CA THR D 198 21.76 -24.16 -11.05
C THR D 198 21.41 -23.61 -9.68
N LEU D 199 22.28 -23.87 -8.71
CA LEU D 199 22.08 -23.44 -7.33
C LEU D 199 23.06 -22.31 -7.05
N THR D 200 22.56 -21.15 -6.64
CA THR D 200 23.38 -19.97 -6.42
C THR D 200 23.56 -19.74 -4.92
N LEU D 201 24.79 -19.53 -4.51
CA LEU D 201 25.15 -19.29 -3.12
C LEU D 201 25.82 -17.93 -3.01
N SER D 202 25.45 -17.17 -1.99
CA SER D 202 26.08 -15.88 -1.77
C SER D 202 27.52 -16.06 -1.34
N LYS D 203 28.32 -15.02 -1.53
CA LYS D 203 29.72 -15.07 -1.17
C LYS D 203 29.89 -15.41 0.31
N ALA D 204 30.90 -16.21 0.62
CA ALA D 204 31.27 -16.69 1.94
C ALA D 204 30.32 -17.77 2.44
N ASP D 205 29.22 -18.07 1.73
CA ASP D 205 28.38 -19.19 2.10
C ASP D 205 28.97 -20.50 1.58
N TYR D 206 29.58 -20.46 0.39
CA TYR D 206 30.28 -21.61 -0.13
C TYR D 206 31.50 -22.00 0.70
N GLU D 207 31.97 -21.10 1.57
CA GLU D 207 33.17 -21.37 2.35
C GLU D 207 32.97 -22.49 3.37
N LYS D 208 31.74 -22.93 3.60
CA LYS D 208 31.46 -23.94 4.61
C LYS D 208 30.69 -25.10 3.99
N HIS D 209 30.20 -26.02 4.82
CA HIS D 209 29.42 -27.15 4.34
C HIS D 209 30.27 -28.05 3.43
N LYS D 210 31.28 -28.66 4.05
CA LYS D 210 32.27 -29.46 3.35
C LYS D 210 31.66 -30.30 2.23
N VAL D 211 30.52 -30.93 2.50
CA VAL D 211 29.94 -31.89 1.57
C VAL D 211 28.80 -31.25 0.82
N TYR D 212 28.63 -31.65 -0.43
CA TYR D 212 27.52 -31.24 -1.27
C TYR D 212 27.01 -32.46 -2.04
N ALA D 213 25.73 -32.41 -2.42
CA ALA D 213 25.12 -33.56 -3.07
C ALA D 213 23.93 -33.11 -3.90
N CYS D 214 23.79 -33.68 -5.09
CA CYS D 214 22.65 -33.47 -5.96
C CYS D 214 21.92 -34.80 -6.10
N GLU D 215 20.63 -34.81 -5.80
CA GLU D 215 19.81 -36.02 -5.84
C GLU D 215 18.79 -35.93 -6.96
N VAL D 216 18.64 -37.02 -7.70
CA VAL D 216 17.74 -37.09 -8.84
C VAL D 216 16.80 -38.27 -8.62
N THR D 217 15.51 -38.04 -8.84
CA THR D 217 14.50 -39.09 -8.76
C THR D 217 13.84 -39.22 -10.13
N HIS D 218 13.73 -40.46 -10.60
CA HIS D 218 13.16 -40.71 -11.92
C HIS D 218 12.89 -42.19 -12.07
N GLN D 219 12.02 -42.53 -13.03
CA GLN D 219 11.69 -43.91 -13.29
C GLN D 219 12.87 -44.62 -13.98
N GLY D 220 12.84 -45.94 -13.94
CA GLY D 220 13.91 -46.74 -14.50
C GLY D 220 15.03 -47.01 -13.53
N LEU D 221 15.50 -45.98 -12.83
CA LEU D 221 16.53 -46.17 -11.81
C LEU D 221 16.02 -47.10 -10.72
N SER D 222 16.89 -47.99 -10.26
CA SER D 222 16.52 -48.89 -9.18
C SER D 222 16.16 -48.12 -7.92
N SER D 223 16.94 -47.09 -7.60
CA SER D 223 16.68 -46.23 -6.46
C SER D 223 17.24 -44.85 -6.78
N PRO D 224 16.83 -43.82 -6.04
CA PRO D 224 17.35 -42.47 -6.29
C PRO D 224 18.86 -42.45 -6.21
N VAL D 225 19.47 -41.71 -7.12
CA VAL D 225 20.92 -41.66 -7.27
C VAL D 225 21.41 -40.30 -6.79
N THR D 226 22.57 -40.28 -6.13
CA THR D 226 23.15 -39.06 -5.59
C THR D 226 24.59 -38.94 -6.05
N LYS D 227 24.92 -37.81 -6.66
CA LYS D 227 26.29 -37.48 -7.05
C LYS D 227 26.76 -36.36 -6.14
N SER D 228 27.85 -36.61 -5.39
CA SER D 228 28.31 -35.72 -4.35
C SER D 228 29.79 -35.42 -4.54
N PHE D 229 30.22 -34.28 -3.98
CA PHE D 229 31.61 -33.89 -4.07
C PHE D 229 32.00 -33.14 -2.81
N ASN D 230 33.15 -33.50 -2.24
CA ASN D 230 33.70 -32.77 -1.11
C ASN D 230 34.19 -31.41 -1.59
N ARG D 231 33.98 -30.38 -0.77
CA ARG D 231 34.41 -29.05 -1.17
C ARG D 231 35.93 -28.92 -1.15
N GLY D 232 36.58 -29.57 -0.19
CA GLY D 232 38.03 -29.63 -0.19
C GLY D 232 38.54 -30.70 -1.12
N GLU D 233 39.87 -30.71 -1.31
CA GLU D 233 40.52 -31.63 -2.22
C GLU D 233 39.95 -31.50 -3.63
N CYS D 234 40.11 -30.30 -4.18
CA CYS D 234 39.57 -29.98 -5.50
C CYS D 234 38.07 -30.24 -5.54
N LYS E 143 -33.46 -21.24 -25.79
CA LYS E 143 -34.89 -21.43 -25.98
C LYS E 143 -35.50 -22.20 -24.82
N GLY E 144 -34.75 -22.35 -23.73
CA GLY E 144 -35.24 -23.07 -22.58
C GLY E 144 -34.86 -22.39 -21.28
N PRO E 145 -35.86 -22.06 -20.44
CA PRO E 145 -35.57 -21.64 -19.06
C PRO E 145 -35.31 -22.84 -18.18
N SER E 146 -36.08 -23.91 -18.41
CA SER E 146 -35.84 -25.21 -17.79
C SER E 146 -35.55 -25.07 -16.30
N VAL E 147 -36.51 -24.58 -15.53
CA VAL E 147 -36.38 -24.48 -14.08
C VAL E 147 -36.88 -25.79 -13.48
N PHE E 148 -35.98 -26.55 -12.85
CA PHE E 148 -36.30 -27.86 -12.30
C PHE E 148 -36.21 -27.80 -10.78
N PRO E 149 -37.27 -28.12 -10.05
CA PRO E 149 -37.20 -28.02 -8.59
C PRO E 149 -36.13 -28.92 -8.01
N LEU E 150 -35.44 -28.42 -7.00
CA LEU E 150 -34.51 -29.21 -6.20
C LEU E 150 -35.22 -29.42 -4.86
N ALA E 151 -36.04 -30.46 -4.78
CA ALA E 151 -36.89 -30.64 -3.62
C ALA E 151 -36.03 -30.94 -2.39
N PRO E 152 -36.53 -30.63 -1.19
CA PRO E 152 -35.75 -30.87 0.02
C PRO E 152 -35.77 -32.34 0.40
N SER E 153 -34.91 -32.68 1.36
CA SER E 153 -34.79 -34.06 1.81
C SER E 153 -36.14 -34.61 2.23
N SER E 154 -36.23 -35.94 2.28
CA SER E 154 -37.50 -36.59 2.59
C SER E 154 -38.12 -35.99 3.85
N LYS E 155 -37.45 -36.14 4.98
CA LYS E 155 -37.88 -35.47 6.21
C LYS E 155 -36.84 -34.47 6.70
N SER E 156 -35.61 -34.92 6.96
CA SER E 156 -34.58 -34.07 7.58
C SER E 156 -35.17 -33.27 8.74
N THR E 157 -36.03 -33.92 9.52
CA THR E 157 -36.76 -33.25 10.59
C THR E 157 -35.85 -33.14 11.82
N SER E 158 -35.25 -31.97 12.00
CA SER E 158 -34.38 -31.71 13.14
C SER E 158 -34.10 -30.21 13.16
N GLY E 159 -33.17 -29.80 14.02
CA GLY E 159 -32.61 -28.47 13.96
C GLY E 159 -31.70 -28.24 12.77
N GLY E 160 -31.54 -29.25 11.93
CA GLY E 160 -30.68 -29.21 10.76
C GLY E 160 -31.31 -28.53 9.57
N THR E 161 -31.32 -27.19 9.57
CA THR E 161 -31.85 -26.41 8.47
C THR E 161 -31.62 -27.10 7.14
N ALA E 162 -32.69 -27.24 6.36
CA ALA E 162 -32.64 -27.93 5.08
C ALA E 162 -32.32 -26.93 3.97
N ALA E 163 -32.19 -27.44 2.75
CA ALA E 163 -31.85 -26.62 1.60
C ALA E 163 -32.71 -27.03 0.42
N LEU E 164 -33.04 -26.03 -0.41
CA LEU E 164 -33.80 -26.26 -1.62
C LEU E 164 -33.39 -25.23 -2.65
N GLY E 165 -33.64 -25.54 -3.91
CA GLY E 165 -33.20 -24.64 -4.96
C GLY E 165 -33.80 -25.00 -6.30
N CYS E 166 -33.49 -24.17 -7.29
CA CYS E 166 -33.95 -24.35 -8.66
C CYS E 166 -32.73 -24.39 -9.59
N LEU E 167 -32.81 -25.24 -10.60
CA LEU E 167 -31.72 -25.44 -11.55
C LEU E 167 -32.13 -24.89 -12.91
N VAL E 168 -31.42 -23.87 -13.37
CA VAL E 168 -31.61 -23.31 -14.70
C VAL E 168 -30.58 -23.95 -15.62
N LYS E 169 -31.02 -24.42 -16.78
CA LYS E 169 -30.17 -25.20 -17.67
C LYS E 169 -30.51 -24.88 -19.13
N ASP E 170 -29.56 -25.18 -20.01
CA ASP E 170 -29.72 -25.03 -21.45
C ASP E 170 -30.32 -23.66 -21.79
N TYR E 171 -29.57 -22.61 -21.48
CA TYR E 171 -29.94 -21.25 -21.81
C TYR E 171 -28.74 -20.52 -22.38
N PHE E 172 -29.02 -19.50 -23.20
CA PHE E 172 -27.97 -18.66 -23.76
C PHE E 172 -28.58 -17.49 -24.51
N PRO E 173 -27.89 -16.34 -24.58
CA PRO E 173 -26.60 -16.01 -23.96
C PRO E 173 -26.77 -15.60 -22.50
N GLU E 174 -25.67 -15.50 -21.77
CA GLU E 174 -25.72 -15.06 -20.38
C GLU E 174 -26.05 -13.56 -20.32
N PRO E 175 -26.48 -13.05 -19.16
CA PRO E 175 -26.75 -13.74 -17.89
C PRO E 175 -28.24 -13.91 -17.59
N VAL E 176 -28.56 -14.51 -16.45
CA VAL E 176 -29.93 -14.64 -15.98
C VAL E 176 -30.00 -14.20 -14.54
N THR E 177 -31.11 -13.59 -14.16
CA THR E 177 -31.36 -13.11 -12.80
C THR E 177 -32.32 -14.06 -12.11
N VAL E 178 -31.92 -14.54 -10.94
CA VAL E 178 -32.74 -15.47 -10.15
C VAL E 178 -33.17 -14.75 -8.89
N SER E 179 -34.47 -14.76 -8.63
CA SER E 179 -35.03 -14.07 -7.47
C SER E 179 -35.98 -14.99 -6.73
N TRP E 180 -36.00 -14.84 -5.41
CA TRP E 180 -36.87 -15.61 -4.54
C TRP E 180 -38.17 -14.83 -4.31
N ASN E 181 -38.95 -15.24 -3.31
CA ASN E 181 -40.28 -14.68 -3.11
C ASN E 181 -40.27 -13.17 -3.23
N SER E 182 -40.99 -12.66 -4.23
CA SER E 182 -41.10 -11.23 -4.49
C SER E 182 -39.73 -10.55 -4.59
N GLY E 183 -38.68 -11.32 -4.81
CA GLY E 183 -37.34 -10.74 -4.86
C GLY E 183 -36.99 -9.99 -3.60
N ALA E 184 -37.39 -10.52 -2.44
CA ALA E 184 -37.19 -9.85 -1.16
C ALA E 184 -36.61 -10.82 -0.14
N LEU E 185 -35.75 -11.73 -0.61
CA LEU E 185 -35.06 -12.68 0.27
C LEU E 185 -33.58 -12.64 -0.03
N THR E 186 -32.77 -12.47 1.00
CA THR E 186 -31.32 -12.39 0.85
C THR E 186 -30.53 -13.21 1.85
N SER E 187 -31.15 -13.66 2.95
CA SER E 187 -30.43 -14.39 3.99
C SER E 187 -30.25 -15.84 3.57
N GLY E 188 -29.01 -16.29 3.50
CA GLY E 188 -28.73 -17.68 3.15
C GLY E 188 -29.13 -18.03 1.73
N VAL E 189 -28.84 -17.16 0.77
CA VAL E 189 -29.14 -17.40 -0.64
C VAL E 189 -27.81 -17.46 -1.39
N HIS E 190 -27.64 -18.48 -2.21
CA HIS E 190 -26.44 -18.65 -3.03
C HIS E 190 -26.85 -18.86 -4.48
N THR E 191 -26.11 -18.22 -5.38
CA THR E 191 -26.32 -18.39 -6.83
C THR E 191 -24.95 -18.65 -7.44
N PHE E 192 -24.66 -19.91 -7.72
CA PHE E 192 -23.33 -20.29 -8.20
C PHE E 192 -23.09 -19.73 -9.60
N PRO E 193 -21.83 -19.43 -9.94
CA PRO E 193 -21.54 -18.91 -11.28
C PRO E 193 -21.95 -19.89 -12.36
N ALA E 194 -22.34 -19.34 -13.50
CA ALA E 194 -22.75 -20.16 -14.63
C ALA E 194 -21.59 -21.05 -15.08
N VAL E 195 -21.94 -22.25 -15.54
CA VAL E 195 -20.97 -23.24 -15.99
C VAL E 195 -21.25 -23.55 -17.45
N LEU E 196 -20.18 -23.70 -18.23
CA LEU E 196 -20.30 -23.98 -19.67
C LEU E 196 -20.60 -25.46 -19.86
N GLN E 197 -21.80 -25.76 -20.36
CA GLN E 197 -22.19 -27.13 -20.61
C GLN E 197 -21.32 -27.74 -21.72
N SER E 198 -21.54 -29.02 -21.99
CA SER E 198 -20.71 -29.73 -22.97
C SER E 198 -20.91 -29.15 -24.36
N SER E 199 -22.15 -29.06 -24.82
CA SER E 199 -22.44 -28.59 -26.18
C SER E 199 -22.74 -27.10 -26.21
N GLY E 200 -21.85 -26.30 -25.64
CA GLY E 200 -21.91 -24.86 -25.77
C GLY E 200 -23.05 -24.18 -25.04
N LEU E 201 -23.75 -24.87 -24.16
CA LEU E 201 -24.83 -24.27 -23.38
C LEU E 201 -24.33 -23.89 -21.99
N TYR E 202 -25.16 -23.11 -21.29
CA TYR E 202 -24.83 -22.63 -19.96
C TYR E 202 -25.75 -23.28 -18.93
N SER E 203 -25.26 -23.38 -17.69
CA SER E 203 -26.05 -23.93 -16.61
C SER E 203 -25.71 -23.18 -15.32
N LEU E 204 -26.70 -23.03 -14.46
CA LEU E 204 -26.54 -22.31 -13.20
C LEU E 204 -27.55 -22.86 -12.21
N SER E 205 -27.15 -22.88 -10.94
CA SER E 205 -27.99 -23.39 -9.87
C SER E 205 -28.07 -22.38 -8.75
N SER E 206 -29.27 -22.21 -8.20
CA SER E 206 -29.51 -21.34 -7.07
C SER E 206 -30.16 -22.15 -5.95
N VAL E 207 -29.74 -21.89 -4.73
CA VAL E 207 -30.18 -22.66 -3.57
C VAL E 207 -30.34 -21.72 -2.38
N VAL E 208 -31.25 -22.06 -1.49
CA VAL E 208 -31.47 -21.31 -0.27
C VAL E 208 -31.66 -22.29 0.89
N THR E 209 -31.08 -21.96 2.04
CA THR E 209 -31.24 -22.75 3.25
C THR E 209 -32.39 -22.17 4.07
N VAL E 210 -33.34 -23.02 4.43
CA VAL E 210 -34.54 -22.57 5.14
C VAL E 210 -34.77 -23.45 6.36
N PRO E 211 -35.30 -22.92 7.46
CA PRO E 211 -35.55 -23.77 8.62
C PRO E 211 -36.55 -24.87 8.30
N SER E 212 -36.36 -26.02 8.95
CA SER E 212 -37.16 -27.19 8.62
C SER E 212 -38.64 -26.95 8.90
N SER E 213 -38.95 -26.33 10.04
CA SER E 213 -40.35 -26.20 10.43
C SER E 213 -41.13 -25.32 9.46
N SER E 214 -40.47 -24.34 8.85
CA SER E 214 -41.19 -23.38 8.00
C SER E 214 -41.80 -24.04 6.78
N LEU E 215 -41.33 -25.23 6.39
CA LEU E 215 -41.83 -25.87 5.17
C LEU E 215 -43.31 -26.18 5.27
N GLY E 216 -43.82 -26.44 6.48
CA GLY E 216 -45.20 -26.86 6.61
C GLY E 216 -46.19 -25.84 6.08
N THR E 217 -45.97 -24.56 6.40
CA THR E 217 -46.90 -23.50 6.03
C THR E 217 -46.34 -22.54 5.01
N GLN E 218 -45.09 -22.12 5.15
CA GLN E 218 -44.49 -21.19 4.21
C GLN E 218 -44.21 -21.89 2.88
N THR E 219 -44.25 -21.10 1.81
CA THR E 219 -44.01 -21.60 0.46
C THR E 219 -42.92 -20.77 -0.19
N TYR E 220 -42.29 -21.33 -1.22
CA TYR E 220 -41.17 -20.69 -1.90
C TYR E 220 -41.36 -20.75 -3.40
N ILE E 221 -40.88 -19.71 -4.08
CA ILE E 221 -41.01 -19.55 -5.52
C ILE E 221 -39.67 -19.11 -6.10
N CYS E 222 -39.28 -19.71 -7.22
CA CYS E 222 -38.06 -19.37 -7.94
C CYS E 222 -38.43 -18.66 -9.23
N ASN E 223 -37.92 -17.43 -9.39
CA ASN E 223 -38.18 -16.62 -10.57
C ASN E 223 -36.88 -16.38 -11.33
N VAL E 224 -36.91 -16.62 -12.64
CA VAL E 224 -35.73 -16.52 -13.49
C VAL E 224 -36.05 -15.58 -14.65
N ASN E 225 -35.13 -14.66 -14.94
CA ASN E 225 -35.29 -13.67 -16.00
C ASN E 225 -34.14 -13.81 -17.00
N HIS E 226 -34.47 -14.11 -18.26
CA HIS E 226 -33.46 -14.29 -19.34
C HIS E 226 -33.71 -13.19 -20.33
N LYS E 227 -32.80 -12.24 -20.45
CA LYS E 227 -33.10 -11.09 -21.30
C LYS E 227 -33.31 -11.40 -22.74
N PRO E 228 -32.43 -12.17 -23.38
CA PRO E 228 -32.50 -12.35 -24.83
C PRO E 228 -33.65 -13.21 -25.16
N SER E 229 -34.47 -13.51 -24.19
CA SER E 229 -35.68 -14.22 -24.44
C SER E 229 -36.79 -13.35 -23.95
N ASN E 230 -36.45 -12.38 -23.12
CA ASN E 230 -37.46 -11.52 -22.55
C ASN E 230 -38.40 -12.48 -21.97
N THR E 231 -37.86 -13.40 -21.18
CA THR E 231 -38.70 -14.42 -20.58
C THR E 231 -38.57 -14.39 -19.07
N LYS E 232 -39.70 -14.41 -18.37
CA LYS E 232 -39.76 -14.55 -16.93
C LYS E 232 -40.57 -15.78 -16.58
N VAL E 233 -39.99 -16.67 -15.77
CA VAL E 233 -40.60 -17.96 -15.45
C VAL E 233 -40.63 -18.13 -13.94
N ASP E 234 -41.75 -18.61 -13.43
CA ASP E 234 -41.94 -18.86 -12.01
C ASP E 234 -42.27 -20.33 -11.76
N LYS E 235 -41.63 -20.90 -10.75
CA LYS E 235 -41.90 -22.28 -10.36
C LYS E 235 -41.97 -22.37 -8.85
N ARG E 236 -42.81 -23.28 -8.36
CA ARG E 236 -42.99 -23.52 -6.93
C ARG E 236 -42.22 -24.78 -6.57
N VAL E 237 -41.32 -24.66 -5.60
CA VAL E 237 -40.47 -25.78 -5.17
C VAL E 237 -41.16 -26.39 -3.95
N GLU E 238 -42.06 -27.32 -4.21
CA GLU E 238 -42.81 -27.95 -3.13
C GLU E 238 -42.10 -29.21 -2.65
N PRO E 239 -42.32 -29.64 -1.41
CA PRO E 239 -41.66 -30.84 -0.92
C PRO E 239 -42.24 -32.09 -1.56
N LYS E 240 -41.40 -33.13 -1.63
CA LYS E 240 -41.83 -34.41 -2.18
C LYS E 240 -42.88 -35.04 -1.28
N SER E 241 -43.80 -35.78 -1.89
CA SER E 241 -44.90 -36.38 -1.13
C SER E 241 -44.37 -37.36 -0.09
N CYS E 242 -43.42 -38.21 -0.50
CA CYS E 242 -42.75 -39.14 0.42
C CYS E 242 -43.73 -40.13 1.05
N ASP E 243 -44.61 -40.69 0.22
CA ASP E 243 -45.58 -41.68 0.67
C ASP E 243 -45.70 -42.79 -0.35
C1 NAG F . 0.15 39.11 -9.81
C2 NAG F . 0.72 38.97 -11.21
C3 NAG F . 0.02 37.80 -11.86
C4 NAG F . -1.49 37.88 -11.72
C5 NAG F . -2.10 38.61 -10.52
C6 NAG F . -2.66 37.62 -9.52
C7 NAG F . -0.40 40.94 -12.34
C8 NAG F . -0.12 42.04 -13.32
N2 NAG F . 0.63 40.14 -12.08
O3 NAG F . 0.50 36.58 -11.26
O4 NAG F . -1.86 38.62 -12.87
O5 NAG F . -1.21 39.46 -9.84
O6 NAG F . -4.03 37.98 -9.46
O7 NAG F . -1.51 40.86 -11.86
H2 NAG F . 1.78 38.71 -11.11
H3 NAG F . 0.26 37.79 -12.93
H4 NAG F . -1.89 36.86 -11.79
H5 NAG F . -2.94 39.23 -10.85
H61 NAG F . -2.51 36.59 -9.84
H62 NAG F . -2.21 37.76 -8.53
H81 NAG F . 0.48 42.78 -12.85
H82 NAG F . 0.40 41.65 -14.15
H83 NAG F . -1.03 42.48 -13.64
HN2 NAG F . 1.49 40.37 -12.59
HO3 NAG F . -0.22 36.16 -10.78
HO6 NAG F . -4.48 37.66 -10.25
C1 NAG F . -3.24 38.53 -13.10
C2 NAG F . -3.36 38.27 -14.60
C3 NAG F . -4.51 37.35 -14.82
C4 NAG F . -4.07 36.14 -14.01
C5 NAG F . -4.54 36.45 -12.61
C6 NAG F . -4.16 35.35 -11.65
C7 NAG F . -2.49 40.37 -15.33
C8 NAG F . -2.75 41.63 -16.09
N2 NAG F . -3.50 39.52 -15.30
O3 NAG F . -4.74 37.15 -16.24
O4 NAG F . -4.56 34.85 -14.43
O5 NAG F . -3.95 37.67 -12.19
O6 NAG F . -4.58 35.72 -10.36
O7 NAG F . -1.44 40.16 -14.77
H2 NAG F . -2.44 37.78 -14.94
H3 NAG F . -5.38 37.83 -14.36
H4 NAG F . -2.97 36.10 -13.99
H5 NAG F . -5.63 36.56 -12.59
H61 NAG F . -4.65 34.42 -11.96
H62 NAG F . -3.08 35.19 -11.67
H81 NAG F . -2.87 41.40 -17.13
H82 NAG F . -3.63 42.10 -15.73
H83 NAG F . -1.92 42.29 -15.97
HN2 NAG F . -4.38 39.72 -15.76
HO3 NAG F . -5.47 37.71 -16.52
HO6 NAG F . -4.77 34.93 -9.83
C1 BMA F . -5.68 35.06 -15.27
C2 BMA F . -6.24 33.74 -15.81
C3 BMA F . -7.44 34.01 -16.69
C4 BMA F . -7.91 35.42 -16.35
C5 BMA F . -7.88 35.79 -14.87
C6 BMA F . -8.40 34.81 -13.82
O2 BMA F . -6.63 32.88 -14.74
O3 BMA F . -8.47 33.01 -16.53
O4 BMA F . -7.05 36.41 -16.97
O5 BMA F . -6.54 35.91 -14.56
O6 BMA F . -7.34 34.50 -12.88
H2 BMA F . -5.46 33.25 -16.41
H3 BMA F . -7.09 34.02 -17.73
H4 BMA F . -8.94 35.54 -16.71
H5 BMA F . -8.39 36.75 -14.74
H61 BMA F . -9.23 35.28 -13.32
H62 BMA F . -8.77 33.89 -14.29
HO2 BMA F . -7.39 32.35 -15.01
HO4 BMA F . -6.54 36.00 -17.67
HO6 BMA F . -6.72 33.87 -13.31
C1 BMA F . -8.78 32.18 -17.68
C2 BMA F . -10.23 32.29 -18.11
C3 BMA F . -10.47 33.37 -19.14
C4 BMA F . -9.17 33.73 -19.84
C5 BMA F . -8.35 32.48 -20.03
C6 BMA F . -7.18 32.71 -20.96
O2 BMA F . -11.00 32.61 -16.97
O3 BMA F . -11.02 34.51 -18.49
O4 BMA F . -9.44 34.35 -21.10
O5 BMA F . -7.84 32.06 -18.77
O6 BMA F . -7.01 34.10 -21.21
H2 BMA F . -10.55 31.32 -18.53
H3 BMA F . -11.18 32.99 -19.90
H4 BMA F . -8.62 34.43 -19.20
H5 BMA F . -9.00 31.70 -20.45
H61 BMA F . -6.27 32.30 -20.52
H62 BMA F . -7.36 32.19 -21.91
HO2 BMA F . -11.87 32.94 -17.25
HO3 BMA F . -10.55 34.64 -17.66
HO4 BMA F . -8.82 35.06 -21.25
HO6 BMA F . -6.95 34.25 -22.16
C1 BMA F . -7.56 34.92 -11.50
C2 BMA F . -8.11 36.29 -11.19
C3 BMA F . -9.58 36.16 -10.78
C4 BMA F . -10.08 34.72 -10.89
C5 BMA F . -9.17 33.70 -10.23
C6 BMA F . -9.51 32.31 -10.73
O2 BMA F . -7.96 37.14 -12.33
O3 BMA F . -10.39 36.97 -11.62
O4 BMA F . -11.37 34.70 -10.28
O5 BMA F . -7.80 33.95 -10.49
O6 BMA F . -9.02 31.32 -9.83
H2 BMA F . -7.55 36.71 -10.35
H3 BMA F . -9.67 36.48 -9.74
H4 BMA F . -10.20 34.43 -11.94
H5 BMA F . -9.34 33.73 -9.14
H61 BMA F . -10.60 32.21 -10.83
H62 BMA F . -9.06 32.17 -11.72
HO2 BMA F . -8.84 37.36 -12.68
HO3 BMA F . -10.86 36.42 -12.26
HO4 BMA F . -11.43 33.98 -9.64
HO6 BMA F . -8.24 31.66 -9.37
C1 NAG G . 9.61 49.19 -9.39
C2 NAG G . 8.23 49.79 -9.63
C3 NAG G . 8.30 51.17 -10.26
C4 NAG G . 9.72 51.68 -10.55
C5 NAG G . 10.76 51.23 -9.53
C6 NAG G . 11.13 52.43 -8.69
C7 NAG G . 7.72 47.86 -11.09
C8 NAG G . 6.59 47.20 -11.81
N2 NAG G . 7.38 49.00 -10.49
O3 NAG G . 7.67 52.09 -9.38
O4 NAG G . 10.10 51.26 -11.85
O5 NAG G . 10.28 50.21 -8.67
O6 NAG G . 9.94 53.09 -8.25
O7 NAG G . 8.83 47.36 -11.07
H1 NAG G . 10.11 49.11 -10.36
H2 NAG G . 7.74 49.90 -8.66
H3 NAG G . 7.72 51.12 -11.19
H4 NAG G . 9.69 52.78 -10.53
H5 NAG G . 11.66 50.88 -10.06
H61 NAG G . 11.72 52.11 -7.83
H62 NAG G . 11.73 53.12 -9.29
H81 NAG G . 5.96 46.72 -11.10
H82 NAG G . 6.04 47.94 -12.33
H83 NAG G . 6.97 46.48 -12.49
HN2 NAG G . 6.43 49.30 -10.60
HO3 NAG G . 8.31 52.42 -8.74
HO4 NAG G . 10.71 50.51 -11.78
HO6 NAG G . 9.91 53.11 -7.29
C1 NAG G . 9.30 52.08 -12.74
C2 NAG G . 10.11 53.09 -13.51
C3 NAG G . 9.34 53.61 -14.73
C4 NAG G . 7.86 53.27 -14.82
C5 NAG G . 7.44 52.06 -14.00
C6 NAG G . 6.49 51.13 -14.73
C7 NAG G . 9.62 55.05 -12.17
C8 NAG G . 10.18 55.97 -11.13
N2 NAG G . 10.47 54.14 -12.59
O3 NAG G . 9.95 52.99 -15.85
O4 NAG G . 7.10 54.39 -14.36
O5 NAG G . 8.59 51.32 -13.68
O6 NAG G . 6.09 50.11 -13.81
O7 NAG G . 8.48 55.12 -12.55
H1 NAG G . 8.59 52.67 -12.15
H2 NAG G . 11.03 52.60 -13.86
H3 NAG G . 9.47 54.70 -14.79
H4 NAG G . 7.62 53.06 -15.87
H5 NAG G . 6.92 52.40 -13.08
H61 NAG G . 5.62 51.69 -15.07
H62 NAG G . 6.99 50.69 -15.59
H81 NAG G . 10.44 55.41 -10.28
H82 NAG G . 11.04 56.46 -11.52
H83 NAG G . 9.45 56.70 -10.88
HN2 NAG G . 11.42 54.14 -12.22
HO3 NAG G . 9.63 53.42 -16.66
HO4 NAG G . 6.20 54.11 -14.17
HO6 NAG G . 6.64 50.17 -13.01
C1 NAG H . -0.94 56.02 7.36
C2 NAG H . -1.15 57.52 7.45
C3 NAG H . 0.05 58.23 6.85
C4 NAG H . 1.27 58.01 7.73
C5 NAG H . 1.20 56.68 8.47
C6 NAG H . 0.59 56.78 9.86
C7 NAG H . -3.55 58.15 7.36
C8 NAG H . -3.58 57.97 8.86
N2 NAG H . -2.37 57.92 6.76
O3 NAG H . -0.25 59.62 6.73
O4 NAG H . 2.45 58.03 6.93
O5 NAG H . 0.43 55.70 7.74
O6 NAG H . 0.46 58.13 10.29
O7 NAG H . -4.54 58.49 6.73
H2 NAG H . -1.26 57.81 8.49
H3 NAG H . 0.26 57.83 5.86
H4 NAG H . 1.31 58.83 8.46
H5 NAG H . 2.23 56.37 8.55
H61 NAG H . -0.39 56.30 9.86
H62 NAG H . 1.22 56.24 10.57
H81 NAG H . -3.32 56.94 9.09
H82 NAG H . -2.87 58.65 9.32
H83 NAG H . -4.59 58.18 9.22
HN2 NAG H . -2.33 58.03 5.75
HO3 NAG H . 0.51 60.09 6.36
HO6 NAG H . 0.08 58.15 11.17
C1 NAG H . 3.44 58.95 7.46
C2 NAG H . 4.02 58.36 8.73
C3 NAG H . 5.54 58.55 8.80
C4 NAG H . 5.97 59.92 8.29
C5 NAG H . 5.34 60.25 6.95
C6 NAG H . 6.35 60.47 5.84
C7 NAG H . 3.25 58.28 11.08
C8 NAG H . 3.78 56.88 11.14
N2 NAG H . 3.39 58.94 9.92
O3 NAG H . 6.16 57.52 8.01
O4 NAG H . 5.61 60.91 9.24
O5 NAG H . 4.48 59.18 6.53
O6 NAG H . 7.07 59.29 5.54
O7 NAG H . 2.72 58.80 12.06
H2 NAG H . 3.81 57.29 8.73
H3 NAG H . 5.86 58.48 9.83
H4 NAG H . 7.05 59.90 8.16
H5 NAG H . 4.78 61.18 7.09
H61 NAG H . 5.85 60.83 4.95
H62 NAG H . 7.04 61.26 6.14
H81 NAG H . 3.26 56.28 10.38
H82 NAG H . 4.85 56.90 10.91
H83 NAG H . 3.61 56.47 12.12
HN2 NAG H . 3.03 59.88 9.86
HO3 NAG H . 7.13 57.64 8.04
HO4 NAG H . 5.88 61.79 8.92
HO6 NAG H . 7.71 59.47 4.83
C1 NAG I . 12.66 41.78 11.71
C2 NAG I . 14.07 42.33 11.57
C3 NAG I . 15.04 41.41 12.30
C4 NAG I . 14.64 41.40 13.75
C5 NAG I . 13.24 40.81 13.86
C6 NAG I . 12.74 40.75 15.29
C7 NAG I . 14.59 43.69 9.58
C8 NAG I . 14.34 44.90 10.44
N2 NAG I . 14.45 42.50 10.18
O3 NAG I . 16.39 41.85 12.13
O4 NAG I . 15.59 40.77 14.59
O5 NAG I . 12.32 41.64 13.13
O6 NAG I . 13.43 39.77 16.06
O7 NAG I . 14.90 43.79 8.40
H2 NAG I . 14.11 43.31 12.04
H3 NAG I . 14.99 40.41 11.88
H4 NAG I . 14.62 42.43 14.13
H5 NAG I . 13.30 39.79 13.47
H61 NAG I . 12.87 41.74 15.76
H62 NAG I . 11.67 40.54 15.30
H81 NAG I . 13.32 44.86 10.83
H82 NAG I . 15.04 44.89 11.27
H83 NAG I . 14.47 45.79 9.84
HN2 NAG I . 14.61 41.66 9.63
HO3 NAG I . 16.98 41.24 12.60
HO6 NAG I . 13.09 39.77 16.96
C1 NAG I . 15.73 41.85 15.56
C2 NAG I . 15.83 41.24 17.02
C3 NAG I . 17.14 41.61 17.80
C4 NAG I . 17.82 42.90 17.35
C5 NAG I . 16.98 43.59 16.30
C6 NAG I . 17.62 44.81 15.67
C7 NAG I . 14.12 40.80 18.72
C8 NAG I . 14.83 39.49 18.96
N2 NAG I . 14.65 41.58 17.78
O3 NAG I . 18.02 40.50 17.68
O4 NAG I . 18.12 43.76 18.45
O5 NAG I . 16.84 42.61 15.28
O6 NAG I . 18.71 44.50 14.82
O7 NAG I . 13.13 41.12 19.36
H2 NAG I . 15.90 40.16 16.87
H3 NAG I . 16.85 41.82 18.83
H4 NAG I . 18.79 42.65 16.91
H5 NAG I . 16.07 43.94 16.77
H61 NAG I . 16.85 45.35 15.10
H62 NAG I . 17.96 45.49 16.46
H81 NAG I . 14.81 38.92 18.03
H82 NAG I . 15.86 39.69 19.25
H83 NAG I . 14.32 38.94 19.73
HN2 NAG I . 14.20 42.47 17.59
HO3 NAG I . 18.84 40.69 18.16
HO6 NAG I . 19.07 45.31 14.44
C1 BMA I . 19.27 44.63 18.18
C2 BMA I . 20.07 44.78 19.47
C3 BMA I . 20.92 46.02 19.31
C4 BMA I . 21.92 45.86 18.17
C5 BMA I . 21.54 44.76 17.07
C6 BMA I . 22.56 43.59 17.03
O2 BMA I . 20.96 43.69 19.66
O3 BMA I . 21.58 46.37 20.50
O4 BMA I . 22.05 47.11 17.49
O5 BMA I . 20.16 44.14 17.18
O6 BMA I . 22.25 42.77 15.90
H2 BMA I . 19.40 44.83 20.32
H3 BMA I . 20.24 46.83 19.05
H4 BMA I . 22.84 45.53 18.63
H5 BMA I . 21.54 45.34 16.16
H61 BMA I . 23.58 43.98 16.95
H62 BMA I . 22.51 43.01 17.95
HO2 BMA I . 21.45 43.81 20.49
HO3 BMA I . 22.10 47.16 20.36
HO4 BMA I . 22.69 47.01 16.75
HO6 BMA I . 22.89 42.03 15.85
C1 NAG J . 19.69 36.22 2.15
C2 NAG J . 20.45 37.56 2.26
C3 NAG J . 21.72 37.42 3.13
C4 NAG J . 22.60 36.25 2.70
C5 NAG J . 21.75 35.12 2.14
C6 NAG J . 22.29 33.75 2.45
C7 NAG J . 21.21 39.33 0.74
C8 NAG J . 21.48 39.71 -0.68
N2 NAG J . 20.78 38.08 0.95
O3 NAG J . 21.34 37.27 4.50
O4 NAG J . 23.53 36.68 1.71
O5 NAG J . 20.46 35.20 2.72
O6 NAG J . 21.25 32.78 2.45
O7 NAG J . 21.37 40.13 1.67
H2 NAG J . 19.79 38.27 2.77
H3 NAG J . 22.31 38.33 2.99
H4 NAG J . 23.13 35.89 3.58
H5 NAG J . 21.75 35.24 1.05
H61 NAG J . 23.06 33.48 1.73
H62 NAG J . 22.77 33.76 3.43
H81 NAG J . 22.25 39.05 -1.08
H82 NAG J . 20.56 39.60 -1.25
H83 NAG J . 21.83 40.74 -0.72
HN2 NAG J . 20.67 37.47 0.15
HO3 NAG J . 22.13 37.19 5.05
HO4 NAG J . 24.08 35.93 1.45
HO6 NAG J . 21.62 31.90 2.65
C1 NAG K . 6.36 18.04 28.84
C2 NAG K . 7.76 17.81 29.44
C3 NAG K . 7.75 17.88 30.97
C4 NAG K . 6.35 18.19 31.51
C5 NAG K . 5.29 17.26 30.91
C6 NAG K . 3.88 17.77 31.15
C7 NAG K . 7.98 15.36 29.46
C8 NAG K . 8.71 14.18 28.87
N2 NAG K . 8.34 16.56 28.98
O3 NAG K . 8.65 18.90 31.37
O4 NAG K . 6.35 17.96 32.92
O5 NAG K . 5.42 17.16 29.48
O6 NAG K . 3.70 19.07 30.64
O7 NAG K . 7.13 15.23 30.32
H2 NAG K . 8.40 18.62 29.08
H3 NAG K . 8.04 16.91 31.36
H4 NAG K . 6.12 19.21 31.25
H5 NAG K . 5.44 16.30 31.39
H61 NAG K . 3.17 17.09 30.69
H62 NAG K . 3.68 17.76 32.22
H81 NAG K . 8.53 14.16 27.80
H82 NAG K . 9.77 14.29 29.06
H83 NAG K . 8.33 13.28 29.33
HN2 NAG K . 9.06 16.59 28.26
HO3 NAG K . 8.65 18.96 32.35
HO4 NAG K . 5.47 18.16 33.28
HO6 NAG K . 2.79 19.37 30.81
#